data_6WMV
#
_entry.id   6WMV
#
_cell.length_a   78.089
_cell.length_b   60.857
_cell.length_c   85.417
_cell.angle_alpha   90.000
_cell.angle_beta   90.740
_cell.angle_gamma   90.000
#
_symmetry.space_group_name_H-M   'P 1 21 1'
#
loop_
_entity.id
_entity.type
_entity.pdbx_description
1 polymer 'AfCTD-Phosphatidylinositol-phosphate synthase (PIPS) fusion'
2 non-polymer L-MYO-INOSITOL-1-PHOSPHATE
3 non-polymer 'SODIUM ION'
4 non-polymer "3,3',3''-phosphanetriyltripropanoic acid"
5 non-polymer 'PENTAETHYLENE GLYCOL'
6 non-polymer '(2R)-2,3-dihydroxypropyl (9Z)-octadec-9-enoate'
7 non-polymer Octadecane
8 non-polymer GLYCEROL
9 non-polymer "CYTIDINE-5'-MONOPHOSPHATE"
10 non-polymer 'CITRATE ANION'
11 water water
#
_entity_poly.entity_id   1
_entity_poly.type   'polypeptide(L)'
_entity_poly.pdbx_seq_one_letter_code
;MRLAYVKNHEIYGEKLLGLTLRERIEKTLQRAGFDVRFFDELSLEEAEDYLIILEPVLILERDLLLEGRKILVSDGFTVG
YFFGGDFRTVFDGNLQSSIEKYLSLNNLESYEIWAIKLSNDNLKTAEKLLLSSLIGSGSSKVPFLSRAAFARITLPLARA
LLRIGLTPDAVTIIGTTASVAGALVLFPMGKLFPGACVVWFFVLFDMLDGAMARLRSGGTRFGAVLDAACDRISDGAVFS
GLLWWIAFGMRDRLLVVATLTCLVTSQVISYIKARAEASGLRGDGGIIERPERLIIVLVGAGVSDFPFIAWPPALPVAMW
VLAVASVITLGQRLHTVWTSPGATDRIPATGGRTETQGHPEPGNPGKTQQ
;
_entity_poly.pdbx_strand_id   A,C
#
# COMPACT_ATOMS: atom_id res chain seq x y z
N MET A 1 -7.71 41.61 -25.84
CA MET A 1 -8.75 41.62 -26.87
C MET A 1 -8.70 40.34 -27.70
N ARG A 2 -9.16 39.25 -27.11
CA ARG A 2 -9.21 37.94 -27.73
C ARG A 2 -10.65 37.61 -28.10
N LEU A 3 -10.87 37.15 -29.32
CA LEU A 3 -12.18 36.76 -29.80
C LEU A 3 -12.25 35.25 -29.96
N ALA A 4 -13.38 34.66 -29.54
CA ALA A 4 -13.61 33.21 -29.63
C ALA A 4 -14.82 32.96 -30.51
N TYR A 5 -14.58 32.55 -31.76
CA TYR A 5 -15.66 32.24 -32.70
C TYR A 5 -16.01 30.77 -32.58
N VAL A 6 -17.21 30.49 -32.07
CA VAL A 6 -17.68 29.12 -31.87
C VAL A 6 -18.76 28.83 -32.90
N LYS A 7 -18.58 27.74 -33.65
CA LYS A 7 -19.58 27.35 -34.64
C LYS A 7 -20.81 26.80 -33.93
N ASN A 8 -21.98 27.14 -34.46
CA ASN A 8 -23.23 26.72 -33.86
C ASN A 8 -23.51 25.25 -34.16
N HIS A 9 -24.09 24.57 -33.18
CA HIS A 9 -24.48 23.15 -33.31
C HIS A 9 -25.81 22.97 -32.58
N GLU A 10 -26.65 22.04 -33.01
CA GLU A 10 -27.96 21.86 -32.32
C GLU A 10 -27.72 21.30 -30.92
N ILE A 11 -26.69 20.47 -30.77
CA ILE A 11 -26.31 19.82 -29.47
C ILE A 11 -25.96 20.84 -28.38
N TYR A 12 -25.55 22.07 -28.73
CA TYR A 12 -25.24 23.12 -27.74
C TYR A 12 -26.51 23.47 -26.94
N GLY A 13 -27.70 23.41 -27.55
CA GLY A 13 -29.01 23.65 -26.93
C GLY A 13 -29.33 22.65 -25.83
N GLU A 14 -28.71 21.46 -25.89
CA GLU A 14 -28.88 20.40 -24.88
C GLU A 14 -28.42 20.90 -23.51
N LYS A 15 -29.12 20.53 -22.44
CA LYS A 15 -28.75 20.98 -21.08
C LYS A 15 -27.98 19.87 -20.39
N LEU A 16 -26.90 20.22 -19.69
CA LEU A 16 -26.11 19.21 -18.95
C LEU A 16 -25.96 19.75 -17.53
N LEU A 17 -26.43 18.99 -16.55
CA LEU A 17 -26.33 19.41 -15.13
C LEU A 17 -26.85 20.84 -14.91
N GLY A 18 -28.01 21.17 -15.46
CA GLY A 18 -28.68 22.46 -15.22
C GLY A 18 -28.26 23.63 -16.09
N LEU A 19 -27.32 23.42 -17.01
CA LEU A 19 -26.95 24.56 -17.90
C LEU A 19 -26.79 24.03 -19.33
N THR A 20 -27.07 24.88 -20.31
CA THR A 20 -26.95 24.45 -21.72
C THR A 20 -25.47 24.39 -22.07
N LEU A 21 -25.09 23.41 -22.86
CA LEU A 21 -23.68 23.30 -23.31
C LEU A 21 -23.26 24.61 -24.01
N ARG A 22 -24.17 25.26 -24.74
CA ARG A 22 -23.86 26.57 -25.35
C ARG A 22 -23.48 27.54 -24.23
N GLU A 23 -24.25 27.59 -23.14
CA GLU A 23 -23.90 28.51 -22.02
C GLU A 23 -22.62 28.03 -21.34
N ARG A 24 -22.46 26.72 -21.20
CA ARG A 24 -21.29 26.13 -20.50
C ARG A 24 -20.01 26.51 -21.25
N ILE A 25 -19.98 26.32 -22.57
CA ILE A 25 -18.77 26.69 -23.34
C ILE A 25 -18.59 28.21 -23.32
N GLU A 26 -19.68 28.96 -23.34
CA GLU A 26 -19.56 30.44 -23.33
C GLU A 26 -18.89 30.87 -22.04
N LYS A 27 -19.33 30.30 -20.91
CA LYS A 27 -18.74 30.70 -19.61
C LYS A 27 -17.27 30.31 -19.51
N THR A 28 -16.91 29.10 -19.95
CA THR A 28 -15.50 28.65 -19.86
C THR A 28 -14.63 29.57 -20.71
N LEU A 29 -15.08 29.86 -21.92
CA LEU A 29 -14.28 30.72 -22.81
C LEU A 29 -14.14 32.11 -22.19
N GLN A 30 -15.22 32.63 -21.62
CA GLN A 30 -15.20 33.99 -21.01
C GLN A 30 -14.25 33.98 -19.82
N ARG A 31 -14.27 32.92 -19.02
CA ARG A 31 -13.33 32.85 -17.89
C ARG A 31 -11.89 32.98 -18.37
N ALA A 32 -11.60 32.47 -19.57
CA ALA A 32 -10.27 32.59 -20.16
C ALA A 32 -10.03 33.92 -20.86
N GLY A 33 -10.88 34.92 -20.65
CA GLY A 33 -10.65 36.23 -21.22
C GLY A 33 -11.05 36.38 -22.67
N PHE A 34 -12.01 35.59 -23.15
CA PHE A 34 -12.44 35.62 -24.53
C PHE A 34 -13.79 36.31 -24.64
N ASP A 35 -13.94 37.12 -25.68
CA ASP A 35 -15.25 37.62 -26.09
C ASP A 35 -15.84 36.61 -27.06
N VAL A 36 -16.96 36.00 -26.67
CA VAL A 36 -17.51 34.85 -27.36
C VAL A 36 -18.47 35.29 -28.45
N ARG A 37 -18.34 34.69 -29.63
CA ARG A 37 -19.22 34.95 -30.77
C ARG A 37 -19.63 33.60 -31.35
N PHE A 38 -20.90 33.25 -31.23
CA PHE A 38 -21.39 32.08 -31.94
C PHE A 38 -21.71 32.48 -33.37
N PHE A 39 -21.35 31.61 -34.30
CA PHE A 39 -21.48 31.95 -35.71
C PHE A 39 -21.94 30.74 -36.50
N ASP A 40 -22.53 31.03 -37.67
CA ASP A 40 -22.80 30.04 -38.70
C ASP A 40 -21.93 30.27 -39.92
N GLU A 41 -21.83 31.51 -40.37
CA GLU A 41 -20.83 31.94 -41.34
C GLU A 41 -19.85 32.85 -40.64
N LEU A 42 -18.55 32.59 -40.82
CA LEU A 42 -17.54 33.26 -40.02
C LEU A 42 -17.31 34.67 -40.53
N SER A 43 -17.41 35.64 -39.61
CA SER A 43 -17.16 37.04 -39.91
C SER A 43 -16.07 37.52 -38.95
N LEU A 44 -14.86 37.69 -39.47
CA LEU A 44 -13.70 37.96 -38.64
C LEU A 44 -13.67 39.44 -38.24
N GLU A 45 -13.78 39.69 -36.94
CA GLU A 45 -13.57 41.02 -36.41
C GLU A 45 -12.12 41.18 -35.98
N GLU A 46 -11.60 42.40 -36.11
CA GLU A 46 -10.19 42.65 -35.80
C GLU A 46 -9.89 42.36 -34.33
N ALA A 47 -8.88 41.52 -34.10
CA ALA A 47 -8.48 41.14 -32.75
C ALA A 47 -7.02 40.71 -32.76
N GLU A 48 -6.48 40.49 -31.57
CA GLU A 48 -5.11 40.01 -31.43
C GLU A 48 -5.02 38.48 -31.51
N ASP A 49 -5.96 37.78 -30.87
CA ASP A 49 -6.01 36.32 -30.93
C ASP A 49 -7.40 35.87 -31.38
N TYR A 50 -7.44 34.73 -32.07
CA TYR A 50 -8.68 34.12 -32.52
C TYR A 50 -8.72 32.69 -32.01
N LEU A 51 -9.71 32.39 -31.17
CA LEU A 51 -9.94 31.00 -30.77
C LEU A 51 -11.13 30.54 -31.61
N ILE A 52 -10.89 29.70 -32.60
CA ILE A 52 -11.99 29.23 -33.48
C ILE A 52 -12.33 27.79 -33.11
N ILE A 53 -13.55 27.57 -32.61
CA ILE A 53 -13.98 26.21 -32.24
C ILE A 53 -15.06 25.81 -33.25
N LEU A 54 -14.79 24.77 -34.04
CA LEU A 54 -15.75 24.41 -35.11
C LEU A 54 -16.61 23.22 -34.71
N GLU A 55 -16.11 22.34 -33.85
CA GLU A 55 -16.88 21.13 -33.46
C GLU A 55 -17.54 21.37 -32.10
N PRO A 56 -18.72 20.80 -31.83
CA PRO A 56 -19.40 21.01 -30.56
C PRO A 56 -18.54 20.31 -29.50
N VAL A 57 -18.21 21.03 -28.45
CA VAL A 57 -17.30 20.46 -27.42
C VAL A 57 -17.71 20.96 -26.04
N LEU A 58 -17.40 20.17 -25.03
CA LEU A 58 -17.61 20.60 -23.63
C LEU A 58 -16.19 20.73 -23.08
N ILE A 59 -15.79 21.93 -22.70
CA ILE A 59 -14.41 22.12 -22.20
C ILE A 59 -14.41 21.77 -20.70
N LEU A 60 -13.52 20.87 -20.28
CA LEU A 60 -13.49 20.42 -18.88
C LEU A 60 -12.39 21.08 -18.05
N GLU A 61 -11.56 21.96 -18.61
CA GLU A 61 -10.49 22.53 -17.76
C GLU A 61 -10.84 23.96 -17.38
N ARG A 62 -10.75 24.29 -16.09
CA ARG A 62 -11.11 25.64 -15.62
C ARG A 62 -10.19 26.72 -16.18
N ASP A 63 -8.88 26.51 -16.14
CA ASP A 63 -7.99 27.61 -16.60
C ASP A 63 -7.42 27.26 -17.97
N LEU A 64 -7.84 27.99 -18.98
CA LEU A 64 -7.42 27.78 -20.37
C LEU A 64 -6.35 28.80 -20.74
N LEU A 65 -5.09 28.40 -20.68
CA LEU A 65 -3.98 29.29 -21.01
C LEU A 65 -3.57 29.02 -22.47
N LEU A 66 -4.07 29.86 -23.37
CA LEU A 66 -3.78 29.71 -24.80
C LEU A 66 -2.70 30.71 -25.21
N GLU A 67 -1.71 30.23 -25.95
CA GLU A 67 -0.63 31.11 -26.42
C GLU A 67 -0.13 30.60 -27.77
N GLY A 68 0.62 31.44 -28.46
CA GLY A 68 1.22 31.09 -29.73
C GLY A 68 0.19 30.81 -30.81
N ARG A 69 0.53 29.86 -31.68
CA ARG A 69 -0.34 29.40 -32.75
C ARG A 69 -0.48 27.90 -32.57
N LYS A 70 -1.69 27.45 -32.27
CA LYS A 70 -1.87 26.05 -31.88
C LYS A 70 -3.10 25.46 -32.55
N ILE A 71 -3.17 24.13 -32.50
CA ILE A 71 -4.30 23.35 -32.97
C ILE A 71 -4.83 22.60 -31.76
N LEU A 72 -6.04 22.93 -31.34
CA LEU A 72 -6.62 22.33 -30.15
C LEU A 72 -7.18 20.95 -30.49
N VAL A 73 -6.83 19.96 -29.67
CA VAL A 73 -7.21 18.58 -29.91
C VAL A 73 -7.62 17.95 -28.59
N SER A 74 -8.40 16.87 -28.68
CA SER A 74 -8.84 16.12 -27.52
C SER A 74 -9.11 14.69 -27.95
N ASP A 75 -8.41 13.74 -27.33
CA ASP A 75 -8.56 12.31 -27.62
C ASP A 75 -8.37 12.01 -29.11
N GLY A 76 -7.55 12.80 -29.78
CA GLY A 76 -7.29 12.64 -31.19
C GLY A 76 -8.16 13.47 -32.12
N PHE A 77 -9.28 14.01 -31.64
CA PHE A 77 -10.17 14.81 -32.48
C PHE A 77 -9.73 16.27 -32.46
N THR A 78 -9.69 16.89 -33.64
CA THR A 78 -9.30 18.29 -33.77
C THR A 78 -10.50 19.17 -33.49
N VAL A 79 -10.49 19.84 -32.34
CA VAL A 79 -11.62 20.64 -31.89
C VAL A 79 -11.58 22.05 -32.44
N GLY A 80 -10.44 22.72 -32.33
CA GLY A 80 -10.38 24.10 -32.75
C GLY A 80 -8.96 24.55 -33.02
N TYR A 81 -8.84 25.83 -33.37
CA TYR A 81 -7.59 26.46 -33.72
C TYR A 81 -7.39 27.75 -32.94
N PHE A 82 -6.16 28.00 -32.51
CA PHE A 82 -5.79 29.24 -31.85
C PHE A 82 -4.84 29.97 -32.79
N PHE A 83 -5.35 30.97 -33.48
CA PHE A 83 -4.61 31.76 -34.46
C PHE A 83 -4.35 33.16 -33.91
N GLY A 84 -3.44 33.87 -34.58
CA GLY A 84 -3.23 35.27 -34.33
C GLY A 84 -4.14 36.14 -35.17
N GLY A 85 -4.07 37.44 -34.92
CA GLY A 85 -4.83 38.38 -35.74
C GLY A 85 -4.42 38.38 -37.20
N ASP A 86 -3.21 37.93 -37.51
CA ASP A 86 -2.75 37.86 -38.89
C ASP A 86 -3.61 36.94 -39.74
N PHE A 87 -4.37 36.03 -39.11
CA PHE A 87 -5.32 35.19 -39.84
C PHE A 87 -6.33 36.04 -40.61
N ARG A 88 -6.69 37.21 -40.07
CA ARG A 88 -7.61 38.08 -40.78
C ARG A 88 -7.06 38.51 -42.14
N THR A 89 -5.73 38.55 -42.27
CA THR A 89 -5.10 38.94 -43.52
C THR A 89 -5.08 37.79 -44.54
N VAL A 90 -5.43 36.58 -44.11
CA VAL A 90 -5.49 35.44 -45.01
C VAL A 90 -6.92 34.97 -45.25
N PHE A 91 -7.82 35.14 -44.29
CA PHE A 91 -9.19 34.64 -44.40
C PHE A 91 -9.91 35.32 -45.55
N ASP A 92 -10.33 34.50 -46.53
CA ASP A 92 -10.97 35.00 -47.74
C ASP A 92 -12.45 34.65 -47.83
N GLY A 93 -12.98 33.86 -46.90
CA GLY A 93 -14.37 33.46 -46.97
C GLY A 93 -14.56 31.96 -46.87
N ASN A 94 -13.68 31.19 -47.50
CA ASN A 94 -13.70 29.73 -47.39
C ASN A 94 -12.87 29.34 -46.18
N LEU A 95 -13.54 28.78 -45.16
CA LEU A 95 -12.85 28.54 -43.89
C LEU A 95 -11.87 27.38 -44.01
N GLN A 96 -12.24 26.33 -44.74
CA GLN A 96 -11.33 25.20 -44.92
C GLN A 96 -10.07 25.63 -45.66
N SER A 97 -10.24 26.34 -46.78
CA SER A 97 -9.10 26.78 -47.57
C SER A 97 -8.25 27.80 -46.80
N SER A 98 -8.90 28.73 -46.08
CA SER A 98 -8.16 29.70 -45.29
C SER A 98 -7.35 29.04 -44.19
N ILE A 99 -7.95 28.07 -43.49
CA ILE A 99 -7.23 27.35 -42.45
C ILE A 99 -6.05 26.58 -43.05
N GLU A 100 -6.25 25.96 -44.21
CA GLU A 100 -5.14 25.22 -44.81
C GLU A 100 -4.00 26.15 -45.22
N LYS A 101 -4.34 27.31 -45.78
CA LYS A 101 -3.29 28.28 -46.14
C LYS A 101 -2.56 28.77 -44.90
N TYR A 102 -3.29 29.07 -43.82
CA TYR A 102 -2.65 29.55 -42.60
C TYR A 102 -1.75 28.48 -41.99
N LEU A 103 -2.18 27.22 -42.05
CA LEU A 103 -1.36 26.13 -41.53
C LEU A 103 -0.08 25.95 -42.35
N SER A 104 -0.19 26.09 -43.68
CA SER A 104 1.02 25.98 -44.51
C SER A 104 1.95 27.17 -44.32
N LEU A 105 1.40 28.34 -43.99
CA LEU A 105 2.18 29.56 -43.87
C LEU A 105 2.79 29.79 -42.48
N ASN A 106 2.44 28.97 -41.49
CA ASN A 106 2.92 29.21 -40.14
C ASN A 106 3.39 27.90 -39.52
N ASN A 107 4.07 28.03 -38.39
CA ASN A 107 4.49 26.88 -37.59
C ASN A 107 3.58 26.80 -36.37
N LEU A 108 2.79 25.72 -36.30
CA LEU A 108 1.83 25.54 -35.23
C LEU A 108 2.18 24.28 -34.42
N GLU A 109 1.67 24.23 -33.19
CA GLU A 109 1.84 23.10 -32.30
C GLU A 109 0.46 22.57 -31.89
N SER A 110 0.40 21.29 -31.56
CA SER A 110 -0.84 20.75 -31.02
C SER A 110 -1.00 21.17 -29.56
N TYR A 111 -2.24 21.39 -29.15
CA TYR A 111 -2.58 21.80 -27.79
C TYR A 111 -3.69 20.86 -27.29
N GLU A 112 -3.31 19.89 -26.47
CA GLU A 112 -4.28 18.95 -25.90
C GLU A 112 -5.09 19.69 -24.85
N ILE A 113 -6.39 19.85 -25.11
CA ILE A 113 -7.31 20.52 -24.20
C ILE A 113 -8.21 19.47 -23.57
N TRP A 114 -8.38 19.55 -22.24
N TRP A 114 -8.36 19.52 -22.24
CA TRP A 114 -9.24 18.66 -21.49
CA TRP A 114 -9.20 18.54 -21.57
C TRP A 114 -10.70 18.89 -21.87
C TRP A 114 -10.65 18.85 -21.88
N ALA A 115 -11.19 18.19 -22.89
CA ALA A 115 -12.54 18.43 -23.38
C ALA A 115 -13.03 17.18 -24.09
N ILE A 116 -14.33 17.15 -24.36
CA ILE A 116 -14.95 16.03 -25.05
C ILE A 116 -15.88 16.55 -26.14
N LYS A 117 -15.84 15.91 -27.31
CA LYS A 117 -16.74 16.28 -28.40
C LYS A 117 -18.13 15.71 -28.17
N LEU A 118 -19.14 16.53 -28.38
CA LEU A 118 -20.50 16.19 -28.03
C LEU A 118 -21.22 15.57 -29.22
N SER A 119 -22.05 14.58 -28.93
CA SER A 119 -22.92 13.97 -29.95
C SER A 119 -24.19 13.52 -29.25
N ASN A 120 -25.19 13.15 -30.05
CA ASN A 120 -26.46 12.72 -29.49
C ASN A 120 -26.33 11.44 -28.68
N ASP A 121 -25.28 10.64 -28.92
CA ASP A 121 -25.12 9.32 -28.32
C ASP A 121 -23.92 9.24 -27.37
N ASN A 122 -23.51 10.36 -26.76
CA ASN A 122 -22.40 10.30 -25.81
C ASN A 122 -22.55 11.26 -24.64
N LEU A 123 -23.77 11.68 -24.30
CA LEU A 123 -23.94 12.66 -23.23
C LEU A 123 -23.72 12.09 -21.84
N LYS A 124 -23.90 10.78 -21.65
CA LYS A 124 -23.63 10.18 -20.35
C LYS A 124 -22.16 10.32 -19.98
N THR A 125 -21.27 10.04 -20.94
CA THR A 125 -19.83 10.23 -20.70
C THR A 125 -19.51 11.69 -20.42
N ALA A 126 -20.18 12.62 -21.11
CA ALA A 126 -19.94 14.04 -20.87
C ALA A 126 -20.34 14.43 -19.45
N GLU A 127 -21.48 13.92 -18.97
CA GLU A 127 -21.90 14.20 -17.60
C GLU A 127 -20.92 13.61 -16.58
N LYS A 128 -20.53 12.36 -16.79
CA LYS A 128 -19.55 11.74 -15.90
C LYS A 128 -18.25 12.54 -15.87
N LEU A 129 -17.78 12.96 -17.05
CA LEU A 129 -16.52 13.69 -17.13
C LEU A 129 -16.62 15.06 -16.49
N LEU A 130 -17.76 15.75 -16.67
CA LEU A 130 -17.92 17.06 -16.03
C LEU A 130 -17.92 16.91 -14.50
N LEU A 131 -18.58 15.87 -13.99
CA LEU A 131 -18.56 15.64 -12.56
C LEU A 131 -17.17 15.32 -12.05
N SER A 132 -16.42 14.48 -12.79
CA SER A 132 -15.03 14.20 -12.41
C SER A 132 -14.20 15.48 -12.41
N SER A 133 -14.39 16.31 -13.43
CA SER A 133 -13.62 17.57 -13.56
C SER A 133 -13.93 18.51 -12.39
N LEU A 134 -15.18 18.56 -11.96
CA LEU A 134 -15.57 19.52 -10.94
C LEU A 134 -15.08 19.08 -9.55
N ILE A 135 -15.02 17.78 -9.28
CA ILE A 135 -14.61 17.31 -7.97
C ILE A 135 -13.10 17.41 -7.80
N ARG A 147 -2.69 20.06 -13.53
CA ARG A 147 -2.95 18.74 -14.10
C ARG A 147 -3.07 18.83 -15.61
N ALA A 148 -3.89 19.77 -16.08
CA ALA A 148 -4.02 20.00 -17.51
C ALA A 148 -2.70 20.49 -18.10
N ALA A 149 -2.09 21.50 -17.48
CA ALA A 149 -0.78 21.95 -17.94
C ALA A 149 0.29 20.90 -17.71
N PHE A 150 0.15 20.09 -16.65
CA PHE A 150 1.07 18.98 -16.45
C PHE A 150 1.05 18.06 -17.67
N ALA A 151 -0.16 17.74 -18.15
CA ALA A 151 -0.30 16.90 -19.34
C ALA A 151 0.26 17.61 -20.57
N ARG A 152 0.01 18.92 -20.69
CA ARG A 152 0.44 19.69 -21.88
C ARG A 152 1.96 19.81 -21.96
N ILE A 153 2.67 19.71 -20.84
CA ILE A 153 4.12 19.84 -20.85
C ILE A 153 4.72 18.44 -20.89
N THR A 154 3.98 17.44 -20.39
CA THR A 154 4.48 16.08 -20.34
C THR A 154 4.38 15.39 -21.70
N LEU A 155 3.26 15.55 -22.41
CA LEU A 155 3.03 14.80 -23.64
C LEU A 155 4.05 15.10 -24.75
N PRO A 156 4.43 16.35 -25.03
CA PRO A 156 5.51 16.53 -26.02
C PRO A 156 6.81 15.88 -25.60
N LEU A 157 7.16 15.94 -24.31
CA LEU A 157 8.39 15.31 -23.83
C LEU A 157 8.35 13.81 -24.02
N ALA A 158 7.25 13.17 -23.61
CA ALA A 158 7.11 11.73 -23.78
C ALA A 158 7.13 11.35 -25.26
N ARG A 159 6.43 12.13 -26.09
CA ARG A 159 6.47 11.89 -27.53
C ARG A 159 7.90 11.92 -28.06
N ALA A 160 8.67 12.95 -27.68
CA ALA A 160 10.03 13.07 -28.18
C ALA A 160 10.88 11.89 -27.74
N LEU A 161 10.80 11.53 -26.45
CA LEU A 161 11.60 10.43 -25.93
C LEU A 161 11.24 9.12 -26.64
N LEU A 162 9.96 8.88 -26.91
CA LEU A 162 9.58 7.69 -27.67
C LEU A 162 10.13 7.76 -29.09
N ARG A 163 10.03 8.93 -29.72
CA ARG A 163 10.48 9.08 -31.11
C ARG A 163 11.96 8.76 -31.23
N ILE A 164 12.76 9.20 -30.26
CA ILE A 164 14.21 8.98 -30.35
C ILE A 164 14.64 7.60 -29.90
N GLY A 165 13.70 6.71 -29.58
CA GLY A 165 13.99 5.31 -29.35
C GLY A 165 14.04 4.83 -27.92
N LEU A 166 13.71 5.68 -26.95
CA LEU A 166 13.72 5.28 -25.54
C LEU A 166 12.39 4.64 -25.16
N THR A 167 12.48 3.58 -24.33
CA THR A 167 11.29 2.92 -23.82
C THR A 167 10.97 3.42 -22.42
N PRO A 168 9.72 3.27 -21.97
CA PRO A 168 9.39 3.72 -20.60
C PRO A 168 10.29 3.15 -19.53
N ASP A 169 10.52 1.83 -19.52
CA ASP A 169 11.42 1.26 -18.51
C ASP A 169 12.84 1.79 -18.67
N ALA A 170 13.28 2.04 -19.90
CA ALA A 170 14.60 2.62 -20.10
C ALA A 170 14.68 3.98 -19.45
N VAL A 171 13.62 4.79 -19.59
CA VAL A 171 13.59 6.12 -18.98
C VAL A 171 13.56 6.00 -17.46
N THR A 172 12.82 5.02 -16.94
CA THR A 172 12.86 4.75 -15.51
C THR A 172 14.29 4.51 -15.04
N ILE A 173 15.01 3.62 -15.73
CA ILE A 173 16.37 3.27 -15.31
C ILE A 173 17.29 4.48 -15.43
N ILE A 174 17.12 5.27 -16.49
CA ILE A 174 17.99 6.43 -16.70
C ILE A 174 17.76 7.48 -15.63
N GLY A 175 16.50 7.80 -15.35
CA GLY A 175 16.20 8.77 -14.31
C GLY A 175 16.64 8.31 -12.94
N THR A 176 16.41 7.03 -12.63
CA THR A 176 16.82 6.52 -11.32
C THR A 176 18.34 6.51 -11.20
N THR A 177 19.05 6.07 -12.24
CA THR A 177 20.51 6.05 -12.19
C THR A 177 21.06 7.45 -12.06
N ALA A 178 20.53 8.40 -12.83
CA ALA A 178 21.03 9.77 -12.75
C ALA A 178 20.74 10.39 -11.39
N SER A 179 19.56 10.11 -10.84
CA SER A 179 19.22 10.67 -9.52
C SER A 179 20.10 10.08 -8.42
N VAL A 180 20.33 8.76 -8.43
CA VAL A 180 21.23 8.19 -7.44
C VAL A 180 22.64 8.71 -7.63
N ALA A 181 23.07 8.90 -8.87
CA ALA A 181 24.42 9.42 -9.10
C ALA A 181 24.55 10.83 -8.55
N GLY A 182 23.58 11.70 -8.84
CA GLY A 182 23.62 13.04 -8.28
C GLY A 182 23.58 13.04 -6.77
N ALA A 183 22.72 12.20 -6.19
CA ALA A 183 22.60 12.17 -4.74
C ALA A 183 23.89 11.66 -4.07
N LEU A 184 24.52 10.65 -4.65
CA LEU A 184 25.65 10.01 -4.02
C LEU A 184 26.98 10.66 -4.38
N VAL A 185 27.01 11.51 -5.39
CA VAL A 185 28.21 12.26 -5.73
C VAL A 185 28.18 13.67 -5.13
N LEU A 186 27.07 14.38 -5.29
CA LEU A 186 27.03 15.79 -4.91
C LEU A 186 26.78 15.98 -3.41
N PHE A 187 25.80 15.26 -2.85
CA PHE A 187 25.48 15.43 -1.44
C PHE A 187 26.68 15.16 -0.53
N PRO A 188 27.41 14.04 -0.66
CA PRO A 188 28.55 13.83 0.25
C PRO A 188 29.62 14.91 0.17
N MET A 189 29.76 15.56 -0.98
CA MET A 189 30.74 16.64 -1.12
C MET A 189 30.29 17.96 -0.49
N GLY A 190 29.06 18.02 0.02
CA GLY A 190 28.52 19.27 0.53
C GLY A 190 27.86 20.12 -0.52
N LYS A 191 27.79 19.68 -1.77
CA LYS A 191 27.14 20.43 -2.84
C LYS A 191 25.64 20.12 -2.80
N LEU A 192 24.98 20.67 -1.77
CA LEU A 192 23.59 20.33 -1.51
C LEU A 192 22.66 21.00 -2.52
N PHE A 193 22.94 22.25 -2.89
CA PHE A 193 22.07 22.93 -3.85
C PHE A 193 22.13 22.28 -5.24
N PRO A 194 23.30 22.12 -5.87
CA PRO A 194 23.30 21.43 -7.18
C PRO A 194 22.81 20.00 -7.08
N GLY A 195 23.08 19.31 -5.97
CA GLY A 195 22.55 17.97 -5.80
C GLY A 195 21.03 17.95 -5.76
N ALA A 196 20.44 18.90 -5.04
CA ALA A 196 18.98 18.98 -5.00
C ALA A 196 18.41 19.25 -6.39
N CYS A 197 19.05 20.15 -7.14
CA CYS A 197 18.55 20.45 -8.49
C CYS A 197 18.66 19.23 -9.41
N VAL A 198 19.82 18.56 -9.42
CA VAL A 198 20.00 17.40 -10.29
C VAL A 198 19.01 16.30 -9.91
N VAL A 199 18.86 16.05 -8.61
CA VAL A 199 17.95 14.99 -8.16
C VAL A 199 16.52 15.32 -8.55
N TRP A 200 16.08 16.57 -8.36
CA TRP A 200 14.73 16.94 -8.74
C TRP A 200 14.50 16.76 -10.24
N PHE A 201 15.44 17.25 -11.04
CA PHE A 201 15.34 17.10 -12.49
C PHE A 201 15.16 15.64 -12.87
N PHE A 202 16.02 14.76 -12.35
CA PHE A 202 15.95 13.38 -12.79
C PHE A 202 14.85 12.58 -12.11
N VAL A 203 14.28 13.08 -11.00
CA VAL A 203 13.06 12.50 -10.46
C VAL A 203 11.88 12.78 -11.39
N LEU A 204 11.76 14.02 -11.87
CA LEU A 204 10.75 14.30 -12.89
C LEU A 204 10.98 13.44 -14.13
N PHE A 205 12.24 13.30 -14.54
CA PHE A 205 12.56 12.47 -15.70
C PHE A 205 12.09 11.04 -15.50
N ASP A 206 12.35 10.46 -14.32
CA ASP A 206 11.85 9.12 -14.03
C ASP A 206 10.33 9.06 -14.11
N MET A 207 9.64 10.09 -13.62
CA MET A 207 8.19 10.09 -13.65
C MET A 207 7.62 10.19 -15.06
N LEU A 208 8.44 10.57 -16.04
CA LEU A 208 7.98 10.64 -17.43
C LEU A 208 7.52 9.29 -18.03
N ASP A 209 7.91 8.16 -17.43
CA ASP A 209 7.65 6.87 -18.09
C ASP A 209 6.16 6.55 -18.16
N GLY A 210 5.36 7.04 -17.22
CA GLY A 210 3.94 6.75 -17.26
C GLY A 210 3.27 7.36 -18.48
N ALA A 211 3.57 8.62 -18.76
CA ALA A 211 3.06 9.25 -19.98
C ALA A 211 3.57 8.52 -21.21
N MET A 212 4.86 8.14 -21.20
CA MET A 212 5.39 7.41 -22.35
C MET A 212 4.63 6.11 -22.60
N ALA A 213 4.32 5.37 -21.53
CA ALA A 213 3.60 4.10 -21.68
C ALA A 213 2.16 4.33 -22.12
N ARG A 214 1.53 5.40 -21.60
CA ARG A 214 0.18 5.74 -22.06
C ARG A 214 0.18 6.03 -23.56
N LEU A 215 1.27 6.59 -24.09
CA LEU A 215 1.36 6.84 -25.52
C LEU A 215 1.60 5.58 -26.34
N ARG A 216 2.05 4.48 -25.70
CA ARG A 216 2.19 3.19 -26.38
C ARG A 216 0.95 2.32 -26.26
N SER A 217 -0.22 2.91 -26.07
CA SER A 217 -1.48 2.20 -25.92
C SER A 217 -1.48 1.27 -24.70
N GLY A 218 -0.59 1.51 -23.73
CA GLY A 218 -0.57 0.74 -22.51
C GLY A 218 0.81 0.34 -22.01
N GLY A 219 1.00 0.37 -20.70
CA GLY A 219 2.23 -0.10 -20.07
C GLY A 219 2.17 -1.57 -19.69
N THR A 220 3.05 -1.95 -18.78
CA THR A 220 3.11 -3.33 -18.29
C THR A 220 3.11 -3.34 -16.77
N ARG A 221 2.80 -4.50 -16.20
CA ARG A 221 2.88 -4.66 -14.75
C ARG A 221 4.32 -4.65 -14.27
N PHE A 222 5.22 -5.31 -15.00
CA PHE A 222 6.63 -5.23 -14.65
C PHE A 222 7.13 -3.81 -14.67
N GLY A 223 6.71 -3.02 -15.67
CA GLY A 223 7.15 -1.64 -15.75
C GLY A 223 6.74 -0.83 -14.53
N ALA A 224 5.53 -1.06 -14.04
CA ALA A 224 5.05 -0.38 -12.84
C ALA A 224 5.84 -0.83 -11.61
N VAL A 225 6.03 -2.14 -11.44
CA VAL A 225 6.83 -2.62 -10.30
C VAL A 225 8.23 -2.02 -10.35
N LEU A 226 8.82 -1.95 -11.55
CA LEU A 226 10.16 -1.41 -11.69
C LEU A 226 10.19 0.07 -11.34
N ASP A 227 9.19 0.83 -11.79
CA ASP A 227 9.11 2.24 -11.44
C ASP A 227 9.05 2.44 -9.93
N ALA A 228 8.25 1.62 -9.24
CA ALA A 228 8.10 1.77 -7.79
C ALA A 228 9.37 1.38 -7.05
N ALA A 229 9.96 0.23 -7.39
CA ALA A 229 11.21 -0.17 -6.75
C ALA A 229 12.29 0.87 -6.99
N CYS A 230 12.30 1.48 -8.18
CA CYS A 230 13.29 2.51 -8.46
C CYS A 230 13.01 3.78 -7.66
N ASP A 231 11.73 4.10 -7.43
CA ASP A 231 11.41 5.17 -6.49
C ASP A 231 12.05 4.90 -5.14
N ARG A 232 11.98 3.64 -4.68
CA ARG A 232 12.55 3.31 -3.37
C ARG A 232 14.06 3.45 -3.38
N ILE A 233 14.71 3.00 -4.45
CA ILE A 233 16.17 3.15 -4.58
C ILE A 233 16.57 4.63 -4.61
N SER A 234 15.79 5.44 -5.31
CA SER A 234 16.09 6.88 -5.41
C SER A 234 15.94 7.57 -4.07
N ASP A 235 14.84 7.31 -3.35
CA ASP A 235 14.66 7.87 -2.01
C ASP A 235 15.79 7.45 -1.08
N GLY A 236 16.10 6.15 -1.08
CA GLY A 236 17.20 5.66 -0.26
C GLY A 236 18.50 6.37 -0.58
N ALA A 237 18.77 6.62 -1.86
CA ALA A 237 20.01 7.30 -2.24
C ALA A 237 20.03 8.75 -1.78
N VAL A 238 18.91 9.47 -1.97
CA VAL A 238 18.81 10.83 -1.46
C VAL A 238 19.18 10.86 0.02
N PHE A 239 18.48 10.07 0.82
CA PHE A 239 18.70 10.11 2.27
C PHE A 239 20.07 9.58 2.65
N SER A 240 20.63 8.66 1.87
CA SER A 240 21.95 8.12 2.20
C SER A 240 23.05 9.14 1.92
N GLY A 241 22.96 9.85 0.79
CA GLY A 241 23.92 10.91 0.52
C GLY A 241 23.82 12.04 1.52
N LEU A 242 22.59 12.44 1.86
CA LEU A 242 22.42 13.47 2.89
C LEU A 242 22.96 12.99 4.22
N LEU A 243 22.75 11.72 4.56
CA LEU A 243 23.28 11.18 5.81
C LEU A 243 24.80 11.19 5.82
N TRP A 244 25.42 10.77 4.71
CA TRP A 244 26.87 10.81 4.63
C TRP A 244 27.38 12.22 4.91
N TRP A 245 26.82 13.21 4.22
CA TRP A 245 27.26 14.58 4.44
C TRP A 245 27.07 15.02 5.89
N ILE A 246 25.88 14.81 6.43
CA ILE A 246 25.59 15.28 7.78
C ILE A 246 26.48 14.61 8.81
N ALA A 247 26.79 13.32 8.61
CA ALA A 247 27.55 12.57 9.60
C ALA A 247 29.03 12.86 9.52
N PHE A 248 29.59 12.84 8.31
CA PHE A 248 31.03 12.94 8.14
C PHE A 248 31.50 14.32 7.70
N GLY A 249 30.60 15.17 7.21
CA GLY A 249 30.96 16.52 6.84
C GLY A 249 30.65 17.53 7.92
N MET A 250 29.41 17.56 8.38
CA MET A 250 29.00 18.45 9.46
C MET A 250 29.28 17.88 10.85
N ARG A 251 29.41 16.56 10.97
CA ARG A 251 29.71 15.89 12.23
C ARG A 251 28.59 16.13 13.26
N ASP A 252 27.35 15.90 12.84
CA ASP A 252 26.13 16.23 13.59
C ASP A 252 25.36 14.96 13.91
N ARG A 253 25.41 14.52 15.17
CA ARG A 253 24.84 13.22 15.51
C ARG A 253 23.32 13.26 15.65
N LEU A 254 22.78 14.30 16.29
CA LEU A 254 21.32 14.43 16.36
C LEU A 254 20.70 14.44 14.97
N LEU A 255 21.29 15.20 14.05
CA LEU A 255 20.76 15.26 12.70
C LEU A 255 20.85 13.93 11.98
N VAL A 256 21.86 13.10 12.28
CA VAL A 256 21.86 11.79 11.65
C VAL A 256 20.77 10.91 12.26
N VAL A 257 20.42 11.15 13.52
CA VAL A 257 19.27 10.44 14.07
C VAL A 257 18.01 10.78 13.25
N ALA A 258 17.84 12.07 12.97
CA ALA A 258 16.69 12.47 12.14
C ALA A 258 16.77 11.88 10.73
N THR A 259 17.98 11.83 10.16
CA THR A 259 18.14 11.33 8.79
C THR A 259 17.88 9.84 8.71
N LEU A 260 18.37 9.08 9.69
CA LEU A 260 18.09 7.65 9.72
C LEU A 260 16.60 7.38 9.87
N THR A 261 15.94 8.14 10.76
CA THR A 261 14.50 7.99 10.89
C THR A 261 13.79 8.28 9.57
N CYS A 262 14.20 9.35 8.88
CA CYS A 262 13.56 9.68 7.61
C CYS A 262 13.76 8.59 6.58
N LEU A 263 15.00 8.11 6.44
CA LEU A 263 15.30 7.01 5.52
C LEU A 263 14.38 5.82 5.79
N VAL A 264 14.46 5.28 7.02
CA VAL A 264 13.75 4.06 7.34
C VAL A 264 12.25 4.25 7.18
N THR A 265 11.70 5.33 7.75
CA THR A 265 10.26 5.50 7.72
C THR A 265 9.74 5.76 6.33
N SER A 266 10.53 6.38 5.44
CA SER A 266 10.08 6.52 4.05
C SER A 266 9.98 5.15 3.38
N GLN A 267 11.03 4.32 3.55
CA GLN A 267 10.97 2.97 3.03
C GLN A 267 9.74 2.23 3.55
N VAL A 268 9.49 2.30 4.86
CA VAL A 268 8.40 1.53 5.46
C VAL A 268 7.04 2.13 5.09
N ILE A 269 6.94 3.45 4.96
CA ILE A 269 5.70 4.09 4.54
C ILE A 269 5.28 3.56 3.18
N SER A 270 6.22 3.52 2.24
CA SER A 270 5.87 2.98 0.92
C SER A 270 5.57 1.48 1.01
N TYR A 271 6.34 0.75 1.82
CA TYR A 271 6.14 -0.68 1.95
C TYR A 271 4.78 -1.03 2.51
N ILE A 272 4.24 -0.22 3.42
CA ILE A 272 2.93 -0.51 4.01
C ILE A 272 1.87 -0.56 2.91
N LYS A 273 1.84 0.45 2.05
CA LYS A 273 0.87 0.46 0.96
C LYS A 273 1.10 -0.73 0.03
N ALA A 274 2.35 -1.01 -0.32
CA ALA A 274 2.60 -2.14 -1.22
C ALA A 274 2.09 -3.45 -0.62
N ARG A 275 2.43 -3.72 0.64
CA ARG A 275 2.08 -4.98 1.27
C ARG A 275 0.58 -5.08 1.52
N ALA A 276 -0.05 -3.96 1.91
CA ALA A 276 -1.50 -3.95 2.09
C ALA A 276 -2.21 -4.25 0.79
N GLU A 277 -1.76 -3.66 -0.32
CA GLU A 277 -2.37 -3.99 -1.60
C GLU A 277 -2.10 -5.43 -2.00
N ALA A 278 -0.94 -5.97 -1.63
CA ALA A 278 -0.67 -7.39 -1.84
C ALA A 278 -1.67 -8.27 -1.11
N SER A 279 -2.14 -7.84 0.07
CA SER A 279 -3.15 -8.60 0.80
C SER A 279 -4.57 -8.25 0.36
N GLY A 280 -4.72 -7.43 -0.67
CA GLY A 280 -6.04 -7.01 -1.10
C GLY A 280 -6.68 -5.96 -0.22
N LEU A 281 -5.88 -5.22 0.54
CA LEU A 281 -6.35 -4.14 1.39
C LEU A 281 -5.76 -2.82 0.91
N ARG A 282 -6.23 -1.73 1.51
CA ARG A 282 -5.71 -0.41 1.18
C ARG A 282 -4.71 0.02 2.26
N GLY A 283 -3.76 0.85 1.85
CA GLY A 283 -2.74 1.34 2.76
C GLY A 283 -2.21 2.70 2.35
N ASP A 284 -2.99 3.44 1.58
CA ASP A 284 -2.57 4.72 1.03
C ASP A 284 -2.83 5.83 2.05
N GLY A 285 -2.62 7.07 1.62
CA GLY A 285 -2.88 8.22 2.46
C GLY A 285 -1.67 8.64 3.27
N GLY A 286 -1.93 9.50 4.25
CA GLY A 286 -0.89 10.02 5.09
C GLY A 286 -0.50 11.45 4.74
N ILE A 287 0.09 12.13 5.72
CA ILE A 287 0.48 13.53 5.53
C ILE A 287 1.64 13.63 4.55
N ILE A 288 2.65 12.77 4.70
CA ILE A 288 3.86 12.82 3.90
C ILE A 288 3.87 11.63 2.96
N GLU A 289 3.68 11.91 1.68
CA GLU A 289 3.88 10.94 0.62
C GLU A 289 5.15 11.31 -0.14
N ARG A 290 5.55 10.45 -1.07
CA ARG A 290 6.82 10.65 -1.76
C ARG A 290 7.00 12.05 -2.32
N PRO A 291 6.01 12.68 -3.00
CA PRO A 291 6.24 14.05 -3.48
C PRO A 291 6.53 15.04 -2.37
N GLU A 292 5.72 15.05 -1.30
CA GLU A 292 5.95 15.98 -0.21
C GLU A 292 7.28 15.68 0.49
N ARG A 293 7.58 14.40 0.68
CA ARG A 293 8.85 13.99 1.27
C ARG A 293 10.03 14.59 0.49
N LEU A 294 10.06 14.33 -0.82
CA LEU A 294 11.14 14.83 -1.65
C LEU A 294 11.21 16.35 -1.63
N ILE A 295 10.05 17.01 -1.75
CA ILE A 295 10.06 18.47 -1.77
C ILE A 295 10.64 19.01 -0.46
N ILE A 296 10.15 18.53 0.68
CA ILE A 296 10.64 19.03 1.96
C ILE A 296 12.15 18.83 2.07
N VAL A 297 12.62 17.60 1.84
CA VAL A 297 14.03 17.34 2.12
C VAL A 297 14.92 18.07 1.11
N LEU A 298 14.51 18.14 -0.16
CA LEU A 298 15.33 18.78 -1.18
C LEU A 298 15.32 20.30 -1.05
N VAL A 299 14.17 20.88 -0.70
CA VAL A 299 14.14 22.32 -0.45
C VAL A 299 14.95 22.67 0.79
N GLY A 300 14.88 21.83 1.83
CA GLY A 300 15.72 22.07 3.00
C GLY A 300 17.19 22.07 2.66
N ALA A 301 17.64 21.04 1.92
CA ALA A 301 19.04 20.98 1.52
C ALA A 301 19.43 22.18 0.66
N GLY A 302 18.60 22.50 -0.35
CA GLY A 302 18.92 23.60 -1.24
C GLY A 302 18.98 24.94 -0.53
N VAL A 303 18.04 25.19 0.37
CA VAL A 303 18.04 26.44 1.12
C VAL A 303 19.23 26.49 2.07
N SER A 304 19.61 25.34 2.65
CA SER A 304 20.78 25.30 3.51
C SER A 304 22.05 25.59 2.72
N ASP A 305 22.07 25.30 1.42
CA ASP A 305 23.25 25.54 0.59
C ASP A 305 22.98 26.57 -0.51
N PHE A 306 21.97 27.41 -0.35
CA PHE A 306 21.62 28.36 -1.39
C PHE A 306 22.77 29.33 -1.64
N PRO A 307 23.06 29.69 -2.89
CA PRO A 307 24.20 30.58 -3.14
C PRO A 307 23.96 31.98 -2.57
N PHE A 308 25.02 32.52 -1.97
CA PHE A 308 25.10 33.87 -1.42
C PHE A 308 24.25 34.08 -0.16
N ILE A 309 23.05 33.53 -0.10
CA ILE A 309 22.15 33.77 1.04
C ILE A 309 21.66 32.45 1.61
N ALA A 310 22.58 31.49 1.76
CA ALA A 310 22.26 30.20 2.35
C ALA A 310 21.79 30.34 3.79
N TRP A 311 20.76 29.58 4.14
CA TRP A 311 20.27 29.50 5.52
C TRP A 311 20.42 28.05 6.02
N PRO A 312 21.53 27.74 6.70
CA PRO A 312 21.82 26.33 7.08
C PRO A 312 20.71 25.67 7.90
N PRO A 313 20.12 26.37 8.89
CA PRO A 313 19.07 25.70 9.69
C PRO A 313 17.91 25.14 8.88
N ALA A 314 17.85 25.40 7.57
CA ALA A 314 16.81 24.80 6.75
C ALA A 314 16.97 23.28 6.66
N LEU A 315 18.23 22.79 6.69
CA LEU A 315 18.43 21.34 6.60
C LEU A 315 17.92 20.61 7.84
N PRO A 316 18.30 20.99 9.08
CA PRO A 316 17.73 20.27 10.24
C PRO A 316 16.23 20.38 10.31
N VAL A 317 15.69 21.59 10.15
CA VAL A 317 14.24 21.78 10.23
C VAL A 317 13.54 20.80 9.30
N ALA A 318 13.83 20.90 8.00
CA ALA A 318 13.24 19.99 7.03
C ALA A 318 13.39 18.55 7.47
N MET A 319 14.58 18.19 7.95
CA MET A 319 14.82 16.79 8.32
C MET A 319 13.98 16.42 9.53
N TRP A 320 13.92 17.28 10.53
CA TRP A 320 13.17 16.93 11.74
C TRP A 320 11.67 16.92 11.50
N VAL A 321 11.13 18.00 10.94
CA VAL A 321 9.74 18.08 10.52
C VAL A 321 9.37 16.79 9.80
N LEU A 322 10.05 16.54 8.68
CA LEU A 322 9.80 15.33 7.89
C LEU A 322 9.77 14.10 8.76
N ALA A 323 10.79 13.93 9.61
CA ALA A 323 10.86 12.76 10.49
C ALA A 323 9.56 12.60 11.26
N VAL A 324 9.17 13.65 11.98
CA VAL A 324 7.92 13.57 12.74
C VAL A 324 6.76 13.26 11.81
N ALA A 325 6.70 13.99 10.69
CA ALA A 325 5.60 13.81 9.76
C ALA A 325 5.64 12.43 9.14
N SER A 326 6.81 11.81 9.08
CA SER A 326 6.90 10.46 8.56
C SER A 326 6.35 9.48 9.57
N VAL A 327 6.76 9.62 10.84
CA VAL A 327 6.28 8.71 11.87
C VAL A 327 4.76 8.73 11.91
N ILE A 328 4.17 9.93 12.03
CA ILE A 328 2.71 10.07 11.96
C ILE A 328 2.17 9.35 10.74
N THR A 329 2.77 9.62 9.57
CA THR A 329 2.30 8.99 8.34
C THR A 329 2.29 7.47 8.47
N LEU A 330 3.38 6.91 9.00
CA LEU A 330 3.47 5.47 9.14
C LEU A 330 2.31 4.92 9.96
N GLY A 331 1.88 5.68 10.97
CA GLY A 331 0.71 5.26 11.72
C GLY A 331 -0.57 5.40 10.92
N GLN A 332 -0.74 6.54 10.25
CA GLN A 332 -1.95 6.80 9.49
C GLN A 332 -2.20 5.70 8.47
N ARG A 333 -1.17 5.36 7.69
CA ARG A 333 -1.32 4.29 6.71
C ARG A 333 -1.71 2.98 7.39
N LEU A 334 -1.11 2.69 8.55
CA LEU A 334 -1.54 1.49 9.29
C LEU A 334 -3.02 1.55 9.59
N HIS A 335 -3.50 2.73 10.01
CA HIS A 335 -4.93 2.90 10.24
C HIS A 335 -5.73 2.60 8.99
N THR A 336 -5.27 3.07 7.82
CA THR A 336 -5.91 2.71 6.57
C THR A 336 -6.02 1.19 6.44
N VAL A 337 -4.89 0.51 6.66
CA VAL A 337 -4.90 -0.95 6.61
C VAL A 337 -5.88 -1.51 7.62
N TRP A 338 -5.97 -0.88 8.80
CA TRP A 338 -6.90 -1.37 9.82
C TRP A 338 -8.35 -1.17 9.39
N THR A 339 -8.65 -0.08 8.68
CA THR A 339 -10.03 0.25 8.36
C THR A 339 -10.47 -0.30 7.01
N SER A 340 -9.61 -1.08 6.35
CA SER A 340 -10.01 -1.60 5.06
C SER A 340 -11.00 -2.75 5.23
N PRO A 341 -11.92 -2.91 4.29
CA PRO A 341 -12.84 -4.05 4.34
C PRO A 341 -12.08 -5.38 4.31
N GLY A 342 -12.46 -6.29 5.20
CA GLY A 342 -11.83 -7.59 5.27
C GLY A 342 -10.51 -7.64 5.98
N ALA A 343 -10.05 -6.50 6.54
CA ALA A 343 -8.75 -6.46 7.18
C ALA A 343 -8.74 -7.28 8.47
N THR A 344 -9.86 -7.29 9.20
CA THR A 344 -9.96 -7.96 10.49
C THR A 344 -10.72 -9.27 10.43
N ASP A 345 -11.02 -9.78 9.24
CA ASP A 345 -11.67 -11.09 9.14
C ASP A 345 -10.72 -12.19 9.62
N ARG A 346 -11.28 -13.18 10.30
CA ARG A 346 -10.49 -14.29 10.84
C ARG A 346 -10.20 -15.34 9.79
N ILE A 347 -9.70 -14.92 8.63
CA ILE A 347 -9.39 -15.83 7.53
C ILE A 347 -7.88 -16.04 7.45
N MET B 1 -33.25 -21.71 6.82
CA MET B 1 -33.55 -21.14 8.13
C MET B 1 -33.37 -22.17 9.24
N ARG B 2 -32.12 -22.46 9.58
CA ARG B 2 -31.80 -23.42 10.65
C ARG B 2 -31.39 -22.65 11.90
N LEU B 3 -32.02 -22.98 13.02
CA LEU B 3 -31.74 -22.29 14.30
C LEU B 3 -31.05 -23.25 15.27
N ALA B 4 -29.95 -22.80 15.89
CA ALA B 4 -29.27 -23.62 16.90
C ALA B 4 -29.54 -22.98 18.26
N TYR B 5 -30.28 -23.67 19.13
CA TYR B 5 -30.58 -23.09 20.46
C TYR B 5 -29.58 -23.65 21.45
N VAL B 6 -28.77 -22.76 22.03
CA VAL B 6 -27.73 -23.18 22.99
C VAL B 6 -28.14 -22.67 24.38
N LYS B 7 -28.26 -23.57 25.35
CA LYS B 7 -28.62 -23.15 26.72
C LYS B 7 -27.48 -22.30 27.26
N ASN B 8 -27.79 -21.18 27.90
CA ASN B 8 -26.74 -20.27 28.42
C ASN B 8 -26.08 -20.89 29.65
N HIS B 9 -24.76 -20.77 29.74
CA HIS B 9 -23.99 -21.28 30.91
C HIS B 9 -22.93 -20.24 31.28
N GLU B 10 -22.58 -20.16 32.57
CA GLU B 10 -21.57 -19.19 33.08
C GLU B 10 -20.21 -19.53 32.45
N ILE B 11 -19.91 -20.83 32.30
CA ILE B 11 -18.63 -21.35 31.75
C ILE B 11 -18.39 -20.85 30.32
N TYR B 12 -19.45 -20.68 29.52
CA TYR B 12 -19.29 -20.15 28.14
C TYR B 12 -18.51 -18.83 28.15
N GLY B 13 -18.58 -18.06 29.25
CA GLY B 13 -17.81 -16.81 29.39
C GLY B 13 -16.30 -17.02 29.50
N GLU B 14 -15.82 -18.18 29.95
CA GLU B 14 -14.38 -18.37 30.05
C GLU B 14 -13.75 -18.37 28.66
N LYS B 15 -12.50 -17.88 28.60
CA LYS B 15 -11.76 -17.85 27.35
C LYS B 15 -10.81 -19.04 27.28
N LEU B 16 -10.84 -19.73 26.16
CA LEU B 16 -9.90 -20.83 25.90
C LEU B 16 -9.11 -20.41 24.67
N LEU B 17 -7.84 -20.11 24.86
CA LEU B 17 -6.92 -19.70 23.79
C LEU B 17 -7.41 -18.42 23.10
N GLY B 18 -7.70 -17.39 23.91
CA GLY B 18 -7.99 -16.08 23.40
C GLY B 18 -9.44 -15.80 23.05
N LEU B 19 -10.28 -16.82 22.96
CA LEU B 19 -11.68 -16.62 22.60
C LEU B 19 -12.57 -17.24 23.66
N THR B 20 -13.72 -16.59 23.89
CA THR B 20 -14.70 -17.15 24.79
C THR B 20 -15.32 -18.40 24.19
N LEU B 21 -15.68 -19.35 25.07
CA LEU B 21 -16.35 -20.56 24.59
C LEU B 21 -17.68 -20.25 23.91
N ARG B 22 -18.37 -19.19 24.35
CA ARG B 22 -19.59 -18.76 23.67
C ARG B 22 -19.31 -18.40 22.22
N GLU B 23 -18.36 -17.49 21.99
CA GLU B 23 -18.02 -17.10 20.63
C GLU B 23 -17.49 -18.27 19.82
N ARG B 24 -16.75 -19.18 20.47
CA ARG B 24 -16.17 -20.31 19.75
C ARG B 24 -17.27 -21.25 19.26
N ILE B 25 -18.20 -21.63 20.15
CA ILE B 25 -19.30 -22.50 19.72
C ILE B 25 -20.21 -21.77 18.75
N GLU B 26 -20.34 -20.44 18.90
CA GLU B 26 -21.17 -19.68 17.98
C GLU B 26 -20.61 -19.72 16.57
N LYS B 27 -19.30 -19.47 16.43
CA LYS B 27 -18.66 -19.50 15.11
C LYS B 27 -18.69 -20.91 14.53
N THR B 28 -18.48 -21.93 15.36
CA THR B 28 -18.54 -23.31 14.87
C THR B 28 -19.92 -23.65 14.32
N LEU B 29 -20.97 -23.31 15.07
CA LEU B 29 -22.32 -23.61 14.61
C LEU B 29 -22.71 -22.75 13.41
N GLN B 30 -22.25 -21.50 13.35
CA GLN B 30 -22.58 -20.67 12.20
C GLN B 30 -21.91 -21.20 10.93
N ARG B 31 -20.69 -21.73 11.05
CA ARG B 31 -20.04 -22.36 9.91
C ARG B 31 -20.88 -23.51 9.37
N ALA B 32 -21.62 -24.20 10.24
CA ALA B 32 -22.50 -25.29 9.81
C ALA B 32 -23.86 -24.80 9.33
N GLY B 33 -24.00 -23.50 9.06
CA GLY B 33 -25.23 -22.97 8.52
C GLY B 33 -26.35 -22.75 9.51
N PHE B 34 -26.01 -22.54 10.78
CA PHE B 34 -27.00 -22.31 11.83
C PHE B 34 -26.96 -20.86 12.28
N ASP B 35 -28.13 -20.29 12.52
CA ASP B 35 -28.25 -19.03 13.24
C ASP B 35 -28.36 -19.36 14.73
N VAL B 36 -27.40 -18.87 15.50
CA VAL B 36 -27.24 -19.30 16.89
C VAL B 36 -28.06 -18.39 17.79
N ARG B 37 -28.79 -19.00 18.73
CA ARG B 37 -29.60 -18.29 19.71
C ARG B 37 -29.30 -18.87 21.08
N PHE B 38 -28.71 -18.07 21.96
CA PHE B 38 -28.52 -18.49 23.33
C PHE B 38 -29.79 -18.21 24.13
N PHE B 39 -30.17 -19.17 24.98
CA PHE B 39 -31.43 -19.10 25.69
C PHE B 39 -31.27 -19.59 27.11
N ASP B 40 -32.22 -19.18 27.96
CA ASP B 40 -32.43 -19.76 29.28
C ASP B 40 -33.74 -20.52 29.35
N GLU B 41 -34.84 -19.92 28.89
CA GLU B 41 -36.10 -20.62 28.65
C GLU B 41 -36.38 -20.59 27.16
N LEU B 42 -36.74 -21.73 26.60
CA LEU B 42 -36.85 -21.87 25.16
C LEU B 42 -38.15 -21.28 24.64
N SER B 43 -38.04 -20.40 23.65
CA SER B 43 -39.18 -19.83 22.93
C SER B 43 -38.94 -20.10 21.45
N LEU B 44 -39.68 -21.05 20.89
CA LEU B 44 -39.39 -21.57 19.55
C LEU B 44 -39.86 -20.62 18.46
N GLU B 45 -38.92 -20.15 17.66
CA GLU B 45 -39.21 -19.38 16.46
C GLU B 45 -39.28 -20.33 15.26
N GLU B 46 -40.12 -19.98 14.29
CA GLU B 46 -40.31 -20.82 13.11
C GLU B 46 -39.00 -20.98 12.36
N ALA B 47 -38.63 -22.23 12.07
CA ALA B 47 -37.37 -22.52 11.41
C ALA B 47 -37.46 -23.84 10.65
N GLU B 48 -36.40 -24.13 9.90
CA GLU B 48 -36.34 -25.36 9.12
C GLU B 48 -35.88 -26.54 9.98
N ASP B 49 -34.77 -26.36 10.69
CA ASP B 49 -34.21 -27.36 11.58
C ASP B 49 -33.87 -26.72 12.92
N TYR B 50 -33.89 -27.52 13.97
CA TYR B 50 -33.58 -27.07 15.33
C TYR B 50 -32.43 -27.89 15.88
N LEU B 51 -31.34 -27.23 16.24
CA LEU B 51 -30.24 -27.84 16.96
C LEU B 51 -30.28 -27.35 18.40
N ILE B 52 -30.66 -28.22 19.34
CA ILE B 52 -30.80 -27.88 20.74
C ILE B 52 -29.60 -28.43 21.51
N ILE B 53 -28.82 -27.54 22.11
CA ILE B 53 -27.65 -27.91 22.92
C ILE B 53 -27.88 -27.41 24.34
N LEU B 54 -28.13 -28.34 25.28
CA LEU B 54 -28.49 -28.00 26.64
C LEU B 54 -27.31 -28.00 27.60
N GLU B 55 -26.39 -28.95 27.46
CA GLU B 55 -25.20 -28.99 28.30
C GLU B 55 -24.12 -28.08 27.71
N PRO B 56 -23.29 -27.49 28.56
CA PRO B 56 -22.20 -26.65 28.05
C PRO B 56 -21.16 -27.52 27.36
N VAL B 57 -20.87 -27.22 26.10
CA VAL B 57 -20.05 -28.09 25.27
C VAL B 57 -19.09 -27.27 24.43
N LEU B 58 -17.91 -27.84 24.21
CA LEU B 58 -16.94 -27.32 23.26
C LEU B 58 -16.93 -28.28 22.07
N ILE B 59 -17.37 -27.80 20.91
CA ILE B 59 -17.41 -28.60 19.70
C ILE B 59 -16.05 -28.49 19.03
N LEU B 60 -15.46 -29.64 18.70
CA LEU B 60 -14.12 -29.72 18.14
C LEU B 60 -14.13 -30.07 16.66
N GLU B 61 -15.30 -30.28 16.05
CA GLU B 61 -15.40 -30.63 14.64
C GLU B 61 -15.53 -29.36 13.80
N ARG B 62 -14.77 -29.31 12.71
CA ARG B 62 -14.82 -28.13 11.84
C ARG B 62 -16.07 -28.16 10.95
N ASP B 63 -16.30 -29.29 10.26
CA ASP B 63 -17.40 -29.45 9.33
C ASP B 63 -18.47 -30.35 9.96
N LEU B 64 -19.64 -29.78 10.21
CA LEU B 64 -20.77 -30.50 10.78
C LEU B 64 -21.78 -30.75 9.67
N LEU B 65 -21.90 -32.00 9.23
CA LEU B 65 -22.84 -32.36 8.17
C LEU B 65 -24.07 -32.96 8.85
N LEU B 66 -25.06 -32.11 9.10
CA LEU B 66 -26.29 -32.50 9.77
C LEU B 66 -27.42 -32.62 8.77
N GLU B 67 -28.17 -33.72 8.85
CA GLU B 67 -29.32 -33.94 8.00
C GLU B 67 -30.29 -34.88 8.70
N GLY B 68 -31.54 -34.88 8.23
CA GLY B 68 -32.51 -35.77 8.82
C GLY B 68 -32.80 -35.42 10.27
N ARG B 69 -33.02 -36.45 11.08
CA ARG B 69 -33.23 -36.30 12.52
C ARG B 69 -32.20 -37.13 13.26
N LYS B 70 -31.33 -36.44 14.02
CA LYS B 70 -30.19 -37.09 14.64
C LYS B 70 -30.06 -36.63 16.09
N ILE B 71 -29.32 -37.39 16.86
CA ILE B 71 -28.96 -37.04 18.24
C ILE B 71 -27.44 -37.01 18.33
N LEU B 72 -26.89 -35.83 18.60
CA LEU B 72 -25.44 -35.66 18.63
C LEU B 72 -24.87 -36.20 19.93
N VAL B 73 -23.80 -37.00 19.82
CA VAL B 73 -23.20 -37.67 20.97
C VAL B 73 -21.69 -37.66 20.85
N SER B 74 -21.02 -37.85 21.99
CA SER B 74 -19.55 -37.98 22.02
C SER B 74 -19.14 -38.77 23.24
N ASP B 75 -18.48 -39.91 23.03
CA ASP B 75 -17.97 -40.76 24.11
C ASP B 75 -19.07 -41.18 25.09
N GLY B 76 -20.29 -41.32 24.61
CA GLY B 76 -21.41 -41.70 25.44
C GLY B 76 -22.20 -40.53 26.01
N PHE B 77 -21.64 -39.33 26.00
CA PHE B 77 -22.32 -38.16 26.52
C PHE B 77 -23.18 -37.54 25.42
N THR B 78 -24.41 -37.18 25.79
CA THR B 78 -25.35 -36.59 24.84
C THR B 78 -25.05 -35.11 24.67
N VAL B 79 -24.57 -34.73 23.49
CA VAL B 79 -24.13 -33.36 23.25
C VAL B 79 -25.30 -32.47 22.84
N GLY B 80 -26.10 -32.91 21.88
CA GLY B 80 -27.21 -32.09 21.44
C GLY B 80 -28.24 -32.92 20.71
N TYR B 81 -29.28 -32.24 20.24
CA TYR B 81 -30.37 -32.88 19.53
C TYR B 81 -30.58 -32.11 18.22
N PHE B 82 -30.74 -32.84 17.12
CA PHE B 82 -31.02 -32.25 15.82
C PHE B 82 -32.41 -32.70 15.39
N PHE B 83 -33.38 -31.82 15.53
CA PHE B 83 -34.77 -32.07 15.21
C PHE B 83 -35.16 -31.28 13.97
N GLY B 84 -36.30 -31.65 13.38
CA GLY B 84 -36.87 -30.84 12.32
C GLY B 84 -37.76 -29.73 12.86
N GLY B 85 -38.24 -28.88 11.94
CA GLY B 85 -39.16 -27.83 12.32
C GLY B 85 -40.44 -28.33 12.94
N ASP B 86 -40.79 -29.60 12.70
CA ASP B 86 -41.99 -30.19 13.30
C ASP B 86 -41.91 -30.21 14.82
N PHE B 87 -40.70 -30.12 15.39
CA PHE B 87 -40.58 -30.00 16.85
C PHE B 87 -41.37 -28.81 17.37
N ARG B 88 -41.51 -27.76 16.54
CA ARG B 88 -42.28 -26.59 16.94
C ARG B 88 -43.71 -26.94 17.28
N THR B 89 -44.27 -27.98 16.65
CA THR B 89 -45.64 -28.40 16.93
C THR B 89 -45.73 -29.32 18.15
N VAL B 90 -44.60 -29.74 18.72
CA VAL B 90 -44.60 -30.59 19.90
C VAL B 90 -44.16 -29.84 21.15
N PHE B 91 -43.35 -28.80 21.02
CA PHE B 91 -42.86 -28.05 22.16
C PHE B 91 -44.02 -27.43 22.93
N ASP B 92 -44.16 -27.81 24.20
CA ASP B 92 -45.28 -27.38 25.03
C ASP B 92 -44.89 -26.40 26.13
N GLY B 93 -43.60 -26.12 26.30
CA GLY B 93 -43.15 -25.21 27.35
C GLY B 93 -42.08 -25.82 28.23
N ASN B 94 -42.25 -27.09 28.57
CA ASN B 94 -41.25 -27.86 29.31
C ASN B 94 -40.32 -28.53 28.29
N LEU B 95 -39.05 -28.14 28.30
CA LEU B 95 -38.16 -28.57 27.24
C LEU B 95 -37.78 -30.04 27.37
N GLN B 96 -37.57 -30.53 28.60
CA GLN B 96 -37.21 -31.93 28.78
C GLN B 96 -38.32 -32.85 28.31
N SER B 97 -39.54 -32.61 28.77
CA SER B 97 -40.67 -33.46 28.38
C SER B 97 -40.97 -33.34 26.89
N SER B 98 -40.85 -32.13 26.33
CA SER B 98 -41.06 -31.97 24.89
C SER B 98 -40.02 -32.74 24.09
N ILE B 99 -38.76 -32.68 24.52
CA ILE B 99 -37.70 -33.43 23.85
C ILE B 99 -37.98 -34.93 23.93
N GLU B 100 -38.43 -35.40 25.10
CA GLU B 100 -38.72 -36.83 25.26
C GLU B 100 -39.91 -37.25 24.40
N LYS B 101 -40.95 -36.41 24.33
CA LYS B 101 -42.09 -36.72 23.46
C LYS B 101 -41.67 -36.77 21.99
N TYR B 102 -40.83 -35.82 21.55
CA TYR B 102 -40.37 -35.83 20.18
C TYR B 102 -39.54 -37.06 19.87
N LEU B 103 -38.71 -37.49 20.84
CA LEU B 103 -37.94 -38.73 20.65
C LEU B 103 -38.86 -39.94 20.56
N SER B 104 -39.93 -39.95 21.35
CA SER B 104 -40.88 -41.06 21.30
C SER B 104 -41.65 -41.09 19.99
N LEU B 105 -41.86 -39.93 19.38
CA LEU B 105 -42.64 -39.84 18.15
C LEU B 105 -41.83 -40.09 16.88
N ASN B 106 -40.51 -40.21 16.99
CA ASN B 106 -39.68 -40.36 15.79
C ASN B 106 -38.64 -41.46 16.00
N ASN B 107 -38.04 -41.87 14.88
CA ASN B 107 -36.90 -42.76 14.85
C ASN B 107 -35.68 -41.91 14.49
N LEU B 108 -34.74 -41.80 15.42
CA LEU B 108 -33.56 -40.97 15.24
C LEU B 108 -32.32 -41.86 15.29
N GLU B 109 -31.22 -41.34 14.73
CA GLU B 109 -29.96 -42.04 14.72
C GLU B 109 -28.91 -41.23 15.45
N SER B 110 -27.92 -41.92 15.99
CA SER B 110 -26.80 -41.25 16.63
C SER B 110 -25.86 -40.68 15.58
N TYR B 111 -25.25 -39.55 15.92
CA TYR B 111 -24.25 -38.89 15.07
C TYR B 111 -23.06 -38.64 15.99
N GLU B 112 -22.02 -39.44 15.84
CA GLU B 112 -20.81 -39.26 16.66
C GLU B 112 -20.08 -38.01 16.23
N ILE B 113 -20.06 -37.01 17.11
CA ILE B 113 -19.36 -35.75 16.87
C ILE B 113 -18.17 -35.71 17.84
N TRP B 114 -17.09 -35.07 17.40
CA TRP B 114 -15.94 -34.85 18.26
C TRP B 114 -16.18 -33.57 19.06
N ALA B 115 -16.59 -33.72 20.31
CA ALA B 115 -16.83 -32.59 21.20
C ALA B 115 -16.60 -33.04 22.63
N ILE B 116 -16.48 -32.08 23.53
CA ILE B 116 -16.27 -32.37 24.95
C ILE B 116 -17.21 -31.50 25.77
N LYS B 117 -17.88 -32.11 26.75
CA LYS B 117 -18.76 -31.37 27.64
C LYS B 117 -17.93 -30.69 28.73
N LEU B 118 -18.22 -29.41 28.97
CA LEU B 118 -17.38 -28.57 29.81
C LEU B 118 -17.88 -28.52 31.25
N SER B 119 -16.95 -28.46 32.19
CA SER B 119 -17.23 -28.25 33.60
C SER B 119 -16.08 -27.45 34.19
N ASN B 120 -16.27 -26.96 35.42
CA ASN B 120 -15.24 -26.12 36.03
C ASN B 120 -13.94 -26.88 36.27
N ASP B 121 -13.98 -28.21 36.35
CA ASP B 121 -12.81 -28.99 36.71
C ASP B 121 -12.27 -29.80 35.53
N ASN B 122 -12.52 -29.34 34.29
CA ASN B 122 -11.94 -30.02 33.14
C ASN B 122 -11.57 -29.04 32.02
N LEU B 123 -11.41 -27.75 32.33
CA LEU B 123 -11.10 -26.79 31.28
C LEU B 123 -9.66 -26.91 30.80
N LYS B 124 -8.75 -27.40 31.64
CA LYS B 124 -7.39 -27.63 31.18
C LYS B 124 -7.34 -28.72 30.12
N THR B 125 -8.04 -29.83 30.38
CA THR B 125 -8.13 -30.91 29.38
C THR B 125 -8.81 -30.42 28.11
N ALA B 126 -9.84 -29.58 28.27
CA ALA B 126 -10.54 -29.04 27.11
C ALA B 126 -9.62 -28.14 26.28
N GLU B 127 -8.80 -27.32 26.95
CA GLU B 127 -7.86 -26.47 26.22
C GLU B 127 -6.82 -27.30 25.49
N LYS B 128 -6.30 -28.35 26.14
CA LYS B 128 -5.36 -29.25 25.46
C LYS B 128 -5.98 -29.88 24.22
N LEU B 129 -7.24 -30.35 24.34
CA LEU B 129 -7.88 -31.00 23.20
C LEU B 129 -8.17 -30.01 22.07
N LEU B 130 -8.57 -28.78 22.43
CA LEU B 130 -8.76 -27.74 21.42
C LEU B 130 -7.46 -27.42 20.70
N LEU B 131 -6.35 -27.37 21.45
CA LEU B 131 -5.05 -27.14 20.83
C LEU B 131 -4.69 -28.27 19.87
N SER B 132 -4.98 -29.52 20.26
CA SER B 132 -4.75 -30.64 19.35
C SER B 132 -5.59 -30.51 18.09
N SER B 133 -6.85 -30.09 18.23
CA SER B 133 -7.72 -29.97 17.05
C SER B 133 -7.27 -28.84 16.13
N LEU B 134 -6.78 -27.72 16.70
CA LEU B 134 -6.39 -26.58 15.88
C LEU B 134 -5.01 -26.72 15.28
N ILE B 135 -4.08 -27.37 15.98
CA ILE B 135 -2.71 -27.50 15.49
C ILE B 135 -2.61 -28.60 14.43
N ALA B 148 9.06 -30.45 16.41
CA ALA B 148 10.21 -29.58 16.64
C ALA B 148 10.16 -28.96 18.03
N ALA B 149 11.08 -28.02 18.27
CA ALA B 149 11.07 -27.28 19.53
C ALA B 149 9.84 -26.40 19.64
N PHE B 150 9.27 -26.00 18.50
CA PHE B 150 8.06 -25.19 18.46
C PHE B 150 6.93 -25.78 19.30
N ALA B 151 6.73 -27.09 19.24
CA ALA B 151 5.62 -27.67 20.00
C ALA B 151 5.82 -27.53 21.51
N ARG B 152 7.02 -27.78 22.01
CA ARG B 152 7.20 -27.81 23.46
C ARG B 152 7.42 -26.44 24.10
N ILE B 153 8.04 -25.48 23.39
CA ILE B 153 8.30 -24.17 23.98
C ILE B 153 7.45 -23.06 23.36
N THR B 154 7.12 -23.13 22.07
CA THR B 154 6.41 -22.02 21.45
C THR B 154 4.92 -22.07 21.76
N LEU B 155 4.31 -23.24 21.66
CA LEU B 155 2.88 -23.39 21.88
C LEU B 155 2.49 -23.09 23.33
N PRO B 156 3.24 -23.58 24.33
CA PRO B 156 2.93 -23.15 25.71
C PRO B 156 3.06 -21.66 25.89
N LEU B 157 4.05 -21.05 25.23
CA LEU B 157 4.22 -19.60 25.29
C LEU B 157 3.00 -18.88 24.72
N ALA B 158 2.53 -19.33 23.55
CA ALA B 158 1.35 -18.71 22.94
C ALA B 158 0.13 -18.87 23.81
N ARG B 159 -0.08 -20.07 24.35
CA ARG B 159 -1.20 -20.29 25.27
C ARG B 159 -1.12 -19.33 26.45
N ALA B 160 0.07 -19.20 27.04
CA ALA B 160 0.24 -18.32 28.20
C ALA B 160 -0.02 -16.86 27.84
N LEU B 161 0.58 -16.38 26.75
CA LEU B 161 0.41 -15.00 26.36
C LEU B 161 -1.04 -14.68 26.04
N LEU B 162 -1.76 -15.61 25.39
CA LEU B 162 -3.18 -15.43 25.18
C LEU B 162 -3.95 -15.41 26.51
N ARG B 163 -3.54 -16.26 27.45
CA ARG B 163 -4.25 -16.35 28.73
C ARG B 163 -4.30 -15.01 29.44
N ILE B 164 -3.17 -14.27 29.44
CA ILE B 164 -3.10 -13.02 30.19
C ILE B 164 -3.71 -11.84 29.45
N GLY B 165 -4.31 -12.06 28.29
CA GLY B 165 -5.07 -11.02 27.62
C GLY B 165 -4.39 -10.41 26.42
N LEU B 166 -3.22 -10.89 26.03
CA LEU B 166 -2.50 -10.35 24.89
C LEU B 166 -3.01 -10.96 23.59
N THR B 167 -3.11 -10.13 22.56
CA THR B 167 -3.52 -10.50 21.22
C THR B 167 -2.30 -10.70 20.32
N PRO B 168 -2.45 -11.43 19.21
CA PRO B 168 -1.31 -11.60 18.30
C PRO B 168 -0.65 -10.30 17.87
N ASP B 169 -1.43 -9.31 17.45
CA ASP B 169 -0.86 -8.02 17.06
C ASP B 169 -0.09 -7.39 18.21
N ALA B 170 -0.58 -7.57 19.45
CA ALA B 170 0.12 -7.03 20.60
C ALA B 170 1.50 -7.63 20.73
N VAL B 171 1.62 -8.94 20.54
CA VAL B 171 2.94 -9.57 20.63
C VAL B 171 3.81 -9.14 19.46
N THR B 172 3.24 -8.97 18.27
CA THR B 172 4.01 -8.44 17.15
C THR B 172 4.63 -7.11 17.51
N ILE B 173 3.81 -6.16 17.98
CA ILE B 173 4.31 -4.83 18.27
C ILE B 173 5.30 -4.86 19.43
N ILE B 174 5.03 -5.67 20.45
CA ILE B 174 5.91 -5.71 21.63
C ILE B 174 7.26 -6.32 21.27
N GLY B 175 7.27 -7.44 20.56
CA GLY B 175 8.53 -8.03 20.14
C GLY B 175 9.32 -7.11 19.25
N THR B 176 8.65 -6.45 18.30
CA THR B 176 9.37 -5.52 17.42
C THR B 176 9.92 -4.34 18.20
N THR B 177 9.15 -3.81 19.15
CA THR B 177 9.62 -2.71 19.97
C THR B 177 10.82 -3.13 20.81
N ALA B 178 10.76 -4.33 21.41
CA ALA B 178 11.88 -4.79 22.22
C ALA B 178 13.13 -5.01 21.36
N SER B 179 12.96 -5.55 20.16
CA SER B 179 14.12 -5.76 19.28
C SER B 179 14.68 -4.42 18.80
N VAL B 180 13.82 -3.46 18.46
CA VAL B 180 14.31 -2.14 18.05
C VAL B 180 15.03 -1.46 19.20
N ALA B 181 14.51 -1.60 20.42
CA ALA B 181 15.16 -1.02 21.58
C ALA B 181 16.54 -1.63 21.79
N GLY B 182 16.62 -2.96 21.72
CA GLY B 182 17.91 -3.61 21.85
C GLY B 182 18.89 -3.16 20.78
N ALA B 183 18.43 -3.07 19.54
CA ALA B 183 19.30 -2.66 18.45
C ALA B 183 19.78 -1.23 18.61
N LEU B 184 18.91 -0.33 19.05
CA LEU B 184 19.25 1.09 19.13
C LEU B 184 19.88 1.51 20.45
N VAL B 185 19.83 0.66 21.47
CA VAL B 185 20.50 0.93 22.74
C VAL B 185 21.85 0.24 22.80
N LEU B 186 21.91 -1.03 22.42
CA LEU B 186 23.13 -1.81 22.61
C LEU B 186 24.13 -1.57 21.49
N PHE B 187 23.67 -1.63 20.23
CA PHE B 187 24.58 -1.45 19.10
C PHE B 187 25.30 -0.11 19.11
N PRO B 188 24.63 1.04 19.27
CA PRO B 188 25.38 2.32 19.25
C PRO B 188 26.43 2.43 20.33
N MET B 189 26.25 1.76 21.46
CA MET B 189 27.22 1.78 22.54
C MET B 189 28.43 0.89 22.26
N GLY B 190 28.43 0.14 21.16
CA GLY B 190 29.47 -0.80 20.88
C GLY B 190 29.25 -2.18 21.45
N LYS B 191 28.12 -2.41 22.13
CA LYS B 191 27.80 -3.72 22.72
C LYS B 191 27.18 -4.60 21.64
N LEU B 192 28.04 -5.06 20.73
CA LEU B 192 27.55 -5.78 19.56
C LEU B 192 27.10 -7.20 19.92
N PHE B 193 27.84 -7.88 20.80
CA PHE B 193 27.42 -9.22 21.20
C PHE B 193 26.11 -9.19 21.99
N PRO B 194 25.95 -8.39 23.05
CA PRO B 194 24.65 -8.35 23.73
C PRO B 194 23.54 -7.90 22.82
N GLY B 195 23.83 -6.97 21.89
CA GLY B 195 22.82 -6.55 20.94
C GLY B 195 22.37 -7.68 20.04
N ALA B 196 23.32 -8.47 19.54
CA ALA B 196 22.96 -9.60 18.69
C ALA B 196 22.08 -10.58 19.47
N CYS B 197 22.43 -10.85 20.72
CA CYS B 197 21.64 -11.78 21.52
C CYS B 197 20.22 -11.26 21.72
N VAL B 198 20.09 -9.99 22.13
CA VAL B 198 18.78 -9.43 22.39
C VAL B 198 17.93 -9.41 21.14
N VAL B 199 18.52 -9.01 20.00
CA VAL B 199 17.78 -8.94 18.74
C VAL B 199 17.31 -10.33 18.31
N TRP B 200 18.18 -11.33 18.41
CA TRP B 200 17.79 -12.68 18.03
C TRP B 200 16.63 -13.17 18.89
N PHE B 201 16.75 -12.99 20.22
CA PHE B 201 15.69 -13.39 21.13
C PHE B 201 14.37 -12.73 20.76
N PHE B 202 14.36 -11.41 20.56
CA PHE B 202 13.08 -10.75 20.32
C PHE B 202 12.59 -10.92 18.90
N VAL B 203 13.44 -11.35 17.96
CA VAL B 203 12.92 -11.79 16.67
C VAL B 203 12.10 -13.06 16.83
N LEU B 204 12.61 -14.03 17.62
CA LEU B 204 11.81 -15.20 17.94
C LEU B 204 10.51 -14.81 18.66
N PHE B 205 10.62 -13.89 19.61
CA PHE B 205 9.45 -13.40 20.35
C PHE B 205 8.39 -12.83 19.40
N ASP B 206 8.82 -12.01 18.44
CA ASP B 206 7.90 -11.50 17.43
C ASP B 206 7.28 -12.64 16.63
N MET B 207 8.07 -13.66 16.31
CA MET B 207 7.56 -14.79 15.52
C MET B 207 6.54 -15.64 16.28
N LEU B 208 6.45 -15.50 17.60
CA LEU B 208 5.41 -16.18 18.38
C LEU B 208 3.98 -15.78 17.98
N ASP B 209 3.81 -14.63 17.33
CA ASP B 209 2.49 -14.10 17.05
C ASP B 209 1.72 -14.99 16.08
N GLY B 210 2.43 -15.68 15.18
CA GLY B 210 1.76 -16.59 14.27
C GLY B 210 1.12 -17.77 14.97
N ALA B 211 1.84 -18.38 15.92
CA ALA B 211 1.25 -19.44 16.72
C ALA B 211 0.05 -18.93 17.49
N MET B 212 0.16 -17.74 18.08
CA MET B 212 -1.00 -17.18 18.77
C MET B 212 -2.20 -17.03 17.84
N ALA B 213 -1.97 -16.57 16.61
CA ALA B 213 -3.08 -16.40 15.67
C ALA B 213 -3.67 -17.73 15.25
N ARG B 214 -2.83 -18.74 15.03
CA ARG B 214 -3.33 -20.07 14.69
C ARG B 214 -4.18 -20.63 15.83
N LEU B 215 -3.83 -20.33 17.08
CA LEU B 215 -4.61 -20.83 18.21
C LEU B 215 -5.92 -20.09 18.42
N ARG B 216 -6.09 -18.89 17.87
CA ARG B 216 -7.37 -18.18 17.92
C ARG B 216 -8.24 -18.47 16.71
N SER B 217 -8.08 -19.66 16.12
CA SER B 217 -8.83 -20.13 14.95
C SER B 217 -8.64 -19.25 13.72
N GLY B 218 -7.54 -18.50 13.66
CA GLY B 218 -7.25 -17.74 12.47
C GLY B 218 -6.74 -16.34 12.75
N GLY B 219 -5.79 -15.89 11.95
CA GLY B 219 -5.28 -14.54 12.01
C GLY B 219 -6.07 -13.61 11.12
N THR B 220 -5.48 -12.46 10.84
CA THR B 220 -6.11 -11.47 9.98
C THR B 220 -5.14 -11.00 8.92
N ARG B 221 -5.68 -10.37 7.88
CA ARG B 221 -4.83 -9.76 6.86
C ARG B 221 -4.08 -8.56 7.41
N PHE B 222 -4.76 -7.74 8.23
CA PHE B 222 -4.08 -6.64 8.89
C PHE B 222 -2.92 -7.13 9.74
N GLY B 223 -3.11 -8.25 10.44
CA GLY B 223 -2.03 -8.79 11.24
C GLY B 223 -0.83 -9.15 10.40
N ALA B 224 -1.06 -9.71 9.21
CA ALA B 224 0.05 -10.04 8.31
C ALA B 224 0.75 -8.79 7.82
N VAL B 225 -0.02 -7.77 7.39
CA VAL B 225 0.59 -6.52 6.96
C VAL B 225 1.43 -5.91 8.09
N LEU B 226 0.91 -5.94 9.31
CA LEU B 226 1.62 -5.40 10.46
C LEU B 226 2.89 -6.18 10.74
N ASP B 227 2.82 -7.51 10.67
CA ASP B 227 4.00 -8.32 10.89
C ASP B 227 5.09 -7.97 9.88
N ALA B 228 4.71 -7.78 8.62
CA ALA B 228 5.69 -7.45 7.59
C ALA B 228 6.30 -6.07 7.81
N ALA B 229 5.45 -5.06 8.04
CA ALA B 229 5.94 -3.70 8.29
C ALA B 229 6.86 -3.67 9.52
N CYS B 230 6.53 -4.45 10.55
CA CYS B 230 7.37 -4.49 11.73
C CYS B 230 8.70 -5.18 11.45
N ASP B 231 8.69 -6.22 10.62
CA ASP B 231 9.95 -6.79 10.15
C ASP B 231 10.83 -5.74 9.50
N ARG B 232 10.22 -4.87 8.67
CA ARG B 232 11.01 -3.85 7.98
C ARG B 232 11.55 -2.83 8.97
N ILE B 233 10.74 -2.43 9.95
CA ILE B 233 11.22 -1.50 10.97
C ILE B 233 12.36 -2.12 11.77
N SER B 234 12.27 -3.43 12.03
CA SER B 234 13.33 -4.10 12.78
C SER B 234 14.63 -4.15 12.00
N ASP B 235 14.56 -4.49 10.70
CA ASP B 235 15.76 -4.47 9.87
C ASP B 235 16.37 -3.07 9.84
N GLY B 236 15.53 -2.05 9.62
CA GLY B 236 16.01 -0.69 9.61
C GLY B 236 16.73 -0.33 10.91
N ALA B 237 16.15 -0.75 12.04
CA ALA B 237 16.74 -0.41 13.33
C ALA B 237 18.05 -1.14 13.56
N VAL B 238 18.10 -2.44 13.24
CA VAL B 238 19.35 -3.18 13.33
C VAL B 238 20.46 -2.47 12.56
N PHE B 239 20.22 -2.24 11.27
CA PHE B 239 21.26 -1.66 10.46
C PHE B 239 21.57 -0.22 10.86
N SER B 240 20.58 0.50 11.41
CA SER B 240 20.84 1.88 11.81
C SER B 240 21.70 1.95 13.06
N GLY B 241 21.45 1.08 14.04
CA GLY B 241 22.31 1.03 15.21
C GLY B 241 23.73 0.59 14.85
N LEU B 242 23.84 -0.42 13.98
CA LEU B 242 25.16 -0.83 13.52
C LEU B 242 25.86 0.29 12.78
N LEU B 243 25.12 1.03 11.94
CA LEU B 243 25.71 2.15 11.22
C LEU B 243 26.19 3.22 12.17
N TRP B 244 25.38 3.54 13.18
CA TRP B 244 25.78 4.50 14.19
C TRP B 244 27.11 4.12 14.81
N TRP B 245 27.20 2.87 15.30
CA TRP B 245 28.44 2.44 15.94
C TRP B 245 29.60 2.52 14.96
N ILE B 246 29.43 1.95 13.76
CA ILE B 246 30.52 1.89 12.80
C ILE B 246 30.99 3.28 12.43
N ALA B 247 30.08 4.24 12.37
CA ALA B 247 30.42 5.59 11.91
C ALA B 247 31.09 6.39 13.02
N PHE B 248 30.52 6.38 14.23
CA PHE B 248 31.04 7.23 15.29
C PHE B 248 31.85 6.48 16.34
N GLY B 249 31.74 5.16 16.40
CA GLY B 249 32.53 4.40 17.35
C GLY B 249 33.79 3.84 16.72
N MET B 250 33.62 3.13 15.61
CA MET B 250 34.76 2.59 14.88
C MET B 250 35.35 3.59 13.89
N ARG B 251 34.57 4.58 13.45
CA ARG B 251 35.04 5.61 12.53
C ARG B 251 35.57 4.98 11.24
N ASP B 252 34.77 4.09 10.67
CA ASP B 252 35.14 3.26 9.51
C ASP B 252 34.15 3.60 8.40
N ARG B 253 34.58 4.39 7.41
CA ARG B 253 33.65 4.91 6.42
C ARG B 253 33.33 3.89 5.33
N LEU B 254 34.32 3.13 4.86
CA LEU B 254 34.05 2.05 3.90
C LEU B 254 32.98 1.11 4.42
N LEU B 255 33.09 0.72 5.69
CA LEU B 255 32.10 -0.13 6.30
C LEU B 255 30.76 0.57 6.40
N VAL B 256 30.75 1.91 6.48
CA VAL B 256 29.48 2.61 6.50
C VAL B 256 28.81 2.60 5.12
N VAL B 257 29.57 2.65 4.03
CA VAL B 257 28.94 2.46 2.73
C VAL B 257 28.38 1.06 2.60
N ALA B 258 29.11 0.06 3.11
CA ALA B 258 28.57 -1.31 3.09
C ALA B 258 27.30 -1.43 3.93
N THR B 259 27.28 -0.80 5.11
CA THR B 259 26.10 -0.89 5.98
C THR B 259 24.91 -0.14 5.39
N LEU B 260 25.15 1.03 4.79
CA LEU B 260 24.09 1.75 4.10
C LEU B 260 23.52 0.92 2.97
N THR B 261 24.39 0.27 2.19
CA THR B 261 23.90 -0.61 1.14
C THR B 261 23.04 -1.71 1.72
N CYS B 262 23.45 -2.31 2.84
CA CYS B 262 22.65 -3.37 3.44
C CYS B 262 21.29 -2.85 3.89
N LEU B 263 21.28 -1.73 4.60
CA LEU B 263 20.03 -1.10 5.05
C LEU B 263 19.06 -0.90 3.88
N VAL B 264 19.49 -0.09 2.91
CA VAL B 264 18.62 0.28 1.81
C VAL B 264 18.18 -0.96 1.04
N THR B 265 19.13 -1.83 0.69
CA THR B 265 18.80 -2.97 -0.15
C THR B 265 17.91 -3.96 0.56
N SER B 266 18.01 -4.10 1.88
CA SER B 266 17.07 -4.98 2.58
C SER B 266 15.65 -4.41 2.48
N GLN B 267 15.51 -3.10 2.72
CA GLN B 267 14.19 -2.48 2.55
C GLN B 267 13.65 -2.71 1.14
N VAL B 268 14.47 -2.46 0.12
CA VAL B 268 14.01 -2.55 -1.26
C VAL B 268 13.77 -4.00 -1.69
N ILE B 269 14.58 -4.94 -1.17
CA ILE B 269 14.36 -6.35 -1.46
C ILE B 269 12.97 -6.77 -1.00
N SER B 270 12.59 -6.40 0.22
CA SER B 270 11.24 -6.74 0.67
C SER B 270 10.17 -5.98 -0.13
N TYR B 271 10.44 -4.72 -0.45
CA TYR B 271 9.45 -3.93 -1.18
C TYR B 271 9.17 -4.52 -2.55
N ILE B 272 10.20 -5.08 -3.21
CA ILE B 272 10.00 -5.63 -4.55
C ILE B 272 8.99 -6.75 -4.52
N LYS B 273 9.16 -7.69 -3.59
CA LYS B 273 8.20 -8.80 -3.48
C LYS B 273 6.81 -8.28 -3.16
N ALA B 274 6.71 -7.35 -2.20
CA ALA B 274 5.39 -6.82 -1.86
C ALA B 274 4.72 -6.19 -3.06
N ARG B 275 5.45 -5.35 -3.80
CA ARG B 275 4.88 -4.60 -4.91
C ARG B 275 4.53 -5.51 -6.08
N ALA B 276 5.38 -6.51 -6.36
CA ALA B 276 5.07 -7.48 -7.40
C ALA B 276 3.80 -8.24 -7.07
N GLU B 277 3.65 -8.68 -5.81
CA GLU B 277 2.41 -9.34 -5.43
C GLU B 277 1.22 -8.40 -5.50
N ALA B 278 1.41 -7.12 -5.18
CA ALA B 278 0.35 -6.14 -5.37
C ALA B 278 -0.08 -6.07 -6.83
N SER B 279 0.85 -6.27 -7.76
CA SER B 279 0.51 -6.26 -9.18
C SER B 279 0.09 -7.64 -9.71
N GLY B 280 -0.06 -8.64 -8.85
CA GLY B 280 -0.39 -9.97 -9.32
C GLY B 280 0.77 -10.73 -9.93
N LEU B 281 2.01 -10.37 -9.60
CA LEU B 281 3.21 -11.07 -10.04
C LEU B 281 3.95 -11.64 -8.84
N ARG B 282 4.99 -12.42 -9.13
CA ARG B 282 5.87 -12.98 -8.11
C ARG B 282 7.13 -12.15 -8.00
N GLY B 283 7.73 -12.13 -6.80
CA GLY B 283 8.95 -11.37 -6.61
C GLY B 283 9.82 -11.93 -5.52
N ASP B 284 9.64 -13.19 -5.19
CA ASP B 284 10.35 -13.82 -4.09
C ASP B 284 11.72 -14.32 -4.56
N GLY B 285 12.38 -15.09 -3.72
CA GLY B 285 13.66 -15.66 -4.08
C GLY B 285 14.83 -14.82 -3.65
N GLY B 286 15.98 -15.17 -4.22
CA GLY B 286 17.23 -14.52 -3.91
C GLY B 286 18.09 -15.39 -2.99
N ILE B 287 19.40 -15.15 -3.06
CA ILE B 287 20.33 -15.92 -2.24
C ILE B 287 20.21 -15.52 -0.77
N ILE B 288 20.10 -14.23 -0.49
CA ILE B 288 20.07 -13.71 0.87
C ILE B 288 18.65 -13.21 1.14
N GLU B 289 17.92 -13.91 1.99
CA GLU B 289 16.63 -13.48 2.48
C GLU B 289 16.73 -13.06 3.94
N ARG B 290 15.62 -12.52 4.47
CA ARG B 290 15.60 -11.95 5.82
C ARG B 290 16.22 -12.86 6.88
N PRO B 291 15.91 -14.16 6.95
CA PRO B 291 16.59 -15.00 7.94
C PRO B 291 18.10 -15.05 7.75
N GLU B 292 18.56 -15.26 6.51
CA GLU B 292 19.99 -15.29 6.23
C GLU B 292 20.63 -13.92 6.48
N ARG B 293 19.93 -12.86 6.09
CA ARG B 293 20.41 -11.50 6.38
C ARG B 293 20.69 -11.33 7.87
N LEU B 294 19.69 -11.65 8.69
CA LEU B 294 19.84 -11.49 10.13
C LEU B 294 20.96 -12.37 10.67
N ILE B 295 21.02 -13.63 10.22
CA ILE B 295 22.06 -14.53 10.72
C ILE B 295 23.43 -13.97 10.41
N ILE B 296 23.67 -13.60 9.15
CA ILE B 296 24.98 -13.09 8.75
C ILE B 296 25.36 -11.87 9.58
N VAL B 297 24.52 -10.85 9.56
CA VAL B 297 24.90 -9.60 10.26
C VAL B 297 24.98 -9.84 11.77
N LEU B 298 24.02 -10.53 12.36
CA LEU B 298 24.03 -10.72 13.83
C LEU B 298 25.23 -11.57 14.23
N VAL B 299 25.59 -12.60 13.46
CA VAL B 299 26.79 -13.43 13.78
C VAL B 299 28.07 -12.59 13.60
N GLY B 300 28.13 -11.80 12.54
CA GLY B 300 29.34 -10.98 12.35
C GLY B 300 29.55 -9.99 13.47
N ALA B 301 28.50 -9.29 13.89
CA ALA B 301 28.65 -8.32 14.99
C ALA B 301 29.04 -9.06 16.27
N GLY B 302 28.37 -10.18 16.55
CA GLY B 302 28.62 -10.92 17.79
C GLY B 302 30.04 -11.46 17.87
N VAL B 303 30.53 -12.02 16.78
CA VAL B 303 31.91 -12.56 16.77
C VAL B 303 32.91 -11.42 16.97
N SER B 304 32.65 -10.28 16.35
CA SER B 304 33.51 -9.08 16.48
C SER B 304 33.57 -8.60 17.92
N ASP B 305 32.49 -8.72 18.67
CA ASP B 305 32.42 -8.25 20.08
C ASP B 305 32.34 -9.44 21.06
N PHE B 306 32.66 -10.65 20.63
CA PHE B 306 32.53 -11.83 21.53
C PHE B 306 33.50 -11.71 22.70
N PRO B 307 33.12 -12.10 23.94
CA PRO B 307 34.01 -11.98 25.09
C PRO B 307 35.21 -12.93 24.95
N PHE B 308 36.42 -12.45 25.29
CA PHE B 308 37.73 -13.14 25.25
C PHE B 308 38.32 -13.27 23.83
N ILE B 309 37.51 -13.73 22.88
CA ILE B 309 37.92 -14.04 21.48
C ILE B 309 37.31 -13.07 20.48
N ALA B 310 37.13 -11.80 20.83
CA ALA B 310 36.52 -10.89 19.86
C ALA B 310 37.41 -10.84 18.63
N TRP B 311 36.85 -11.09 17.45
CA TRP B 311 37.62 -11.05 16.19
C TRP B 311 37.04 -9.91 15.37
N PRO B 312 37.73 -8.76 15.26
CA PRO B 312 37.18 -7.59 14.58
C PRO B 312 36.81 -7.80 13.11
N PRO B 313 37.57 -8.52 12.28
CA PRO B 313 37.26 -8.70 10.85
C PRO B 313 35.93 -9.39 10.51
N ALA B 314 35.33 -10.10 11.46
CA ALA B 314 34.03 -10.76 11.26
C ALA B 314 32.97 -9.71 10.90
N LEU B 315 32.96 -8.56 11.57
CA LEU B 315 31.90 -7.57 11.24
C LEU B 315 32.04 -7.07 9.79
N PRO B 316 33.22 -6.63 9.29
CA PRO B 316 33.32 -6.18 7.93
C PRO B 316 33.06 -7.28 6.89
N VAL B 317 33.59 -8.47 7.09
CA VAL B 317 33.35 -9.53 6.07
C VAL B 317 31.85 -9.84 6.01
N ALA B 318 31.19 -9.95 7.17
CA ALA B 318 29.75 -10.25 7.19
C ALA B 318 29.05 -9.11 6.47
N MET B 319 29.47 -7.88 6.71
CA MET B 319 28.77 -6.77 6.09
C MET B 319 28.99 -6.76 4.59
N TRP B 320 30.25 -6.92 4.16
CA TRP B 320 30.55 -6.80 2.74
C TRP B 320 29.91 -7.93 1.97
N VAL B 321 30.13 -9.17 2.42
CA VAL B 321 29.40 -10.33 1.91
C VAL B 321 27.94 -9.92 1.78
N LEU B 322 27.33 -9.55 2.91
CA LEU B 322 25.92 -9.19 2.91
C LEU B 322 25.63 -8.17 1.82
N ALA B 323 26.41 -7.09 1.79
CA ALA B 323 26.21 -6.04 0.80
C ALA B 323 26.21 -6.63 -0.60
N VAL B 324 27.29 -7.34 -0.95
CA VAL B 324 27.38 -7.92 -2.28
C VAL B 324 26.21 -8.88 -2.51
N ALA B 325 25.89 -9.68 -1.49
CA ALA B 325 24.80 -10.64 -1.65
C ALA B 325 23.45 -9.96 -1.76
N SER B 326 23.30 -8.76 -1.20
CA SER B 326 22.01 -8.08 -1.25
C SER B 326 21.75 -7.50 -2.63
N VAL B 327 22.74 -6.79 -3.18
CA VAL B 327 22.58 -6.19 -4.51
C VAL B 327 22.18 -7.26 -5.52
N ILE B 328 22.94 -8.36 -5.58
CA ILE B 328 22.59 -9.49 -6.43
C ILE B 328 21.14 -9.90 -6.19
N THR B 329 20.77 -10.08 -4.92
CA THR B 329 19.40 -10.48 -4.58
C THR B 329 18.41 -9.49 -5.19
N LEU B 330 18.68 -8.20 -5.04
CA LEU B 330 17.78 -7.18 -5.57
C LEU B 330 17.59 -7.36 -7.06
N GLY B 331 18.65 -7.74 -7.77
CA GLY B 331 18.51 -8.02 -9.18
C GLY B 331 17.71 -9.28 -9.44
N GLN B 332 18.03 -10.35 -8.69
CA GLN B 332 17.33 -11.62 -8.89
C GLN B 332 15.83 -11.45 -8.78
N ARG B 333 15.37 -10.81 -7.69
CA ARG B 333 13.94 -10.58 -7.52
C ARG B 333 13.36 -9.80 -8.69
N LEU B 334 14.07 -8.77 -9.16
CA LEU B 334 13.59 -8.05 -10.32
C LEU B 334 13.43 -8.98 -11.52
N HIS B 335 14.41 -9.86 -11.75
CA HIS B 335 14.28 -10.85 -12.81
C HIS B 335 13.04 -11.71 -12.59
N THR B 336 12.80 -12.11 -11.34
CA THR B 336 11.57 -12.84 -11.03
C THR B 336 10.36 -12.05 -11.50
N VAL B 337 10.30 -10.76 -11.15
CA VAL B 337 9.19 -9.91 -11.60
C VAL B 337 9.11 -9.91 -13.11
N TRP B 338 10.26 -9.87 -13.79
CA TRP B 338 10.25 -9.84 -15.24
C TRP B 338 9.71 -11.15 -15.82
N THR B 339 9.99 -12.28 -15.18
CA THR B 339 9.64 -13.57 -15.75
C THR B 339 8.32 -14.14 -15.23
N SER B 340 7.57 -13.38 -14.43
CA SER B 340 6.30 -13.89 -13.94
C SER B 340 5.25 -13.84 -15.04
N PRO B 341 4.26 -14.73 -15.00
CA PRO B 341 3.19 -14.70 -16.00
C PRO B 341 2.46 -13.37 -16.01
N GLY B 342 2.30 -12.80 -17.21
CA GLY B 342 1.60 -11.55 -17.40
C GLY B 342 2.39 -10.31 -17.04
N ALA B 343 3.67 -10.45 -16.67
CA ALA B 343 4.44 -9.30 -16.23
C ALA B 343 4.70 -8.30 -17.35
N THR B 344 4.92 -8.79 -18.57
CA THR B 344 5.26 -7.93 -19.69
C THR B 344 4.10 -7.75 -20.67
N ASP B 345 2.92 -8.27 -20.33
CA ASP B 345 1.73 -8.06 -21.15
C ASP B 345 1.29 -6.61 -21.08
N ARG B 346 0.75 -6.13 -22.20
CA ARG B 346 0.31 -4.75 -22.29
C ARG B 346 -1.06 -4.57 -21.64
N ILE B 347 -1.22 -3.45 -20.93
CA ILE B 347 -2.47 -3.13 -20.24
C ILE B 347 -3.20 -2.06 -21.05
N PRO B 348 -4.21 -2.43 -21.85
CA PRO B 348 -4.95 -1.49 -22.70
C PRO B 348 -5.62 -0.37 -21.90
#